data_7V03
#
_entry.id   7V03
#
_cell.length_a   49.102
_cell.length_b   130.132
_cell.length_c   74.998
_cell.angle_alpha   90.000
_cell.angle_beta   90.011
_cell.angle_gamma   90.000
#
_symmetry.space_group_name_H-M   'P 1 21 1'
#
loop_
_entity.id
_entity.type
_entity.pdbx_description
1 polymer 'triosephosphate isomerase'
2 non-polymer 'CHLORIDE ION'
3 water water
#
_entity_poly.entity_id   1
_entity_poly.type   'polypeptide(L)'
_entity_poly.pdbx_seq_one_letter_code
;MGSSHHHHHHSSGLVPRGSHMARKFFVGGNWKCNGTAEEVKKIVTTLNEAEVPSEDDVEVVVSPPFVFLTLVKTLLRPDF
SIAAQNCWVRKGGAFTGEVSAEMLINLGIPWVILGHSERRQLLNESDDFVGDKVAYALIQGLKVIACVGETLEQRESGAT
MKVVAAQTEAIFDKVSNWSNIVLAYEPVWAIGTGKVATPAQAQEVHSELRKWLHDNVGPEVAASTRIIYGGSVSGANCKE
LATKPDVDGFLVGGASLKPEFIEIIKSATLKQNA
;
_entity_poly.pdbx_strand_id   A,B,C,D
#
# COMPACT_ATOMS: atom_id res chain seq x y z
N ARG A 23 13.23 -29.04 -10.13
CA ARG A 23 12.88 -28.23 -8.95
C ARG A 23 11.36 -28.22 -8.72
N LYS A 24 10.95 -28.63 -7.53
CA LYS A 24 9.52 -28.68 -7.23
C LYS A 24 8.94 -27.27 -7.05
N PHE A 25 7.86 -26.99 -7.77
CA PHE A 25 7.18 -25.69 -7.64
C PHE A 25 6.77 -25.46 -6.19
N PHE A 26 6.91 -24.21 -5.75
CA PHE A 26 6.83 -23.86 -4.33
C PHE A 26 5.99 -22.61 -4.19
N VAL A 27 4.93 -22.66 -3.39
CA VAL A 27 4.07 -21.50 -3.17
C VAL A 27 3.96 -21.23 -1.67
N GLY A 28 4.49 -20.09 -1.24
CA GLY A 28 4.40 -19.69 0.14
C GLY A 28 3.40 -18.56 0.26
N GLY A 29 2.69 -18.55 1.39
CA GLY A 29 1.73 -17.50 1.66
C GLY A 29 2.06 -16.82 2.97
N ASN A 30 2.36 -15.51 2.91
CA ASN A 30 2.75 -14.71 4.06
C ASN A 30 1.56 -13.87 4.49
N TRP A 31 0.93 -14.24 5.63
CA TRP A 31 -0.24 -13.52 6.12
C TRP A 31 0.12 -12.18 6.75
N LYS A 32 1.40 -11.95 7.02
CA LYS A 32 1.90 -10.71 7.66
C LYS A 32 1.19 -10.53 9.01
N CYS A 33 1.04 -9.28 9.47
CA CYS A 33 0.42 -8.97 10.76
C CYS A 33 -1.09 -8.85 10.61
N ASN A 34 -1.71 -9.99 10.29
CA ASN A 34 -3.13 -10.03 9.98
C ASN A 34 -3.77 -11.26 10.61
N GLY A 35 -5.03 -11.09 11.02
CA GLY A 35 -5.78 -12.24 11.47
C GLY A 35 -6.48 -12.12 12.81
N THR A 36 -7.65 -12.74 12.87
CA THR A 36 -8.42 -12.95 14.07
C THR A 36 -8.72 -14.43 14.13
N ALA A 37 -9.14 -14.91 15.29
CA ALA A 37 -9.48 -16.32 15.42
C ALA A 37 -10.52 -16.73 14.37
N GLU A 38 -11.53 -15.89 14.17
CA GLU A 38 -12.58 -16.21 13.21
C GLU A 38 -12.04 -16.20 11.78
N GLU A 39 -11.25 -15.19 11.42
CA GLU A 39 -10.74 -15.09 10.05
C GLU A 39 -9.75 -16.19 9.73
N VAL A 40 -8.92 -16.56 10.72
CA VAL A 40 -7.96 -17.63 10.52
C VAL A 40 -8.67 -18.96 10.28
N LYS A 41 -9.72 -19.24 11.06
CA LYS A 41 -10.48 -20.47 10.83
C LYS A 41 -11.13 -20.50 9.45
N LYS A 42 -11.61 -19.35 8.98
CA LYS A 42 -12.22 -19.27 7.66
C LYS A 42 -11.20 -19.47 6.56
N ILE A 43 -10.02 -18.85 6.72
CA ILE A 43 -8.95 -19.04 5.73
C ILE A 43 -8.53 -20.50 5.67
N VAL A 44 -8.38 -21.15 6.83
CA VAL A 44 -7.95 -22.53 6.83
C VAL A 44 -9.02 -23.43 6.23
N THR A 45 -10.29 -23.15 6.50
CA THR A 45 -11.34 -24.00 5.93
C THR A 45 -11.38 -23.87 4.42
N THR A 46 -11.22 -22.64 3.91
CA THR A 46 -11.10 -22.47 2.46
C THR A 46 -9.93 -23.27 1.90
N LEU A 47 -8.79 -23.28 2.59
CA LEU A 47 -7.65 -24.04 2.09
C LEU A 47 -7.90 -25.53 2.19
N ASN A 48 -8.59 -25.97 3.25
CA ASN A 48 -8.80 -27.40 3.46
C ASN A 48 -9.74 -27.98 2.40
N GLU A 49 -10.64 -27.17 1.87
CA GLU A 49 -11.61 -27.61 0.88
C GLU A 49 -11.11 -27.49 -0.55
N ALA A 50 -9.94 -26.91 -0.75
CA ALA A 50 -9.41 -26.64 -2.08
C ALA A 50 -8.92 -27.92 -2.73
N GLU A 51 -9.00 -27.96 -4.07
CA GLU A 51 -8.41 -29.02 -4.87
C GLU A 51 -7.19 -28.43 -5.54
N VAL A 52 -6.00 -28.93 -5.18
CA VAL A 52 -4.75 -28.38 -5.71
C VAL A 52 -3.88 -29.53 -6.19
N PRO A 53 -2.79 -29.28 -6.92
CA PRO A 53 -1.90 -30.36 -7.32
C PRO A 53 -1.30 -31.07 -6.11
N SER A 54 -0.79 -32.28 -6.38
CA SER A 54 -0.23 -33.14 -5.35
C SER A 54 1.07 -32.58 -4.79
N GLU A 55 1.50 -33.18 -3.69
CA GLU A 55 2.75 -32.79 -3.04
C GLU A 55 3.96 -33.11 -3.92
N ASP A 56 3.81 -34.00 -4.90
CA ASP A 56 4.83 -34.18 -5.91
C ASP A 56 4.90 -33.01 -6.88
N ASP A 57 3.81 -32.28 -7.06
CA ASP A 57 3.76 -31.21 -8.04
C ASP A 57 4.02 -29.84 -7.45
N VAL A 58 3.71 -29.65 -6.18
CA VAL A 58 3.79 -28.33 -5.57
C VAL A 58 3.95 -28.48 -4.06
N GLU A 59 4.75 -27.59 -3.48
CA GLU A 59 5.05 -27.53 -2.05
C GLU A 59 4.45 -26.24 -1.52
N VAL A 60 3.40 -26.36 -0.70
CA VAL A 60 2.65 -25.19 -0.24
C VAL A 60 2.99 -24.91 1.21
N VAL A 61 3.32 -23.66 1.50
CA VAL A 61 3.61 -23.21 2.86
C VAL A 61 2.77 -21.97 3.15
N VAL A 62 2.20 -21.92 4.35
CA VAL A 62 1.40 -20.78 4.81
C VAL A 62 2.00 -20.26 6.11
N SER A 63 1.95 -18.94 6.30
CA SER A 63 2.72 -18.31 7.37
C SER A 63 1.85 -17.40 8.23
N PRO A 64 1.25 -17.93 9.28
CA PRO A 64 0.42 -17.09 10.19
C PRO A 64 1.27 -16.34 11.21
N PRO A 65 0.69 -15.35 11.89
CA PRO A 65 1.40 -14.72 13.01
C PRO A 65 1.68 -15.71 14.13
N PHE A 66 2.65 -15.36 14.99
CA PHE A 66 3.10 -16.29 16.03
C PHE A 66 1.94 -16.84 16.83
N VAL A 67 1.00 -15.98 17.18
CA VAL A 67 -0.02 -16.32 18.14
C VAL A 67 -1.01 -17.32 17.59
N PHE A 68 -1.02 -17.54 16.27
CA PHE A 68 -1.94 -18.50 15.65
C PHE A 68 -1.23 -19.75 15.17
N LEU A 69 0.08 -19.89 15.42
CA LEU A 69 0.80 -21.00 14.80
C LEU A 69 0.24 -22.35 15.25
N THR A 70 -0.01 -22.52 16.55
CA THR A 70 -0.47 -23.83 16.98
C THR A 70 -1.91 -24.11 16.57
N LEU A 71 -2.76 -23.07 16.48
CA LEU A 71 -4.11 -23.25 15.96
C LEU A 71 -4.06 -23.74 14.52
N VAL A 72 -3.27 -23.06 13.69
CA VAL A 72 -3.21 -23.45 12.29
C VAL A 72 -2.58 -24.83 12.15
N LYS A 73 -1.61 -25.16 13.01
CA LYS A 73 -1.02 -26.49 12.95
C LYS A 73 -2.07 -27.58 13.17
N THR A 74 -2.99 -27.35 14.12
CA THR A 74 -4.07 -28.31 14.39
C THR A 74 -5.08 -28.38 13.24
N LEU A 75 -5.46 -27.20 12.68
CA LEU A 75 -6.58 -27.12 11.74
C LEU A 75 -6.17 -27.42 10.30
N LEU A 76 -4.93 -27.15 9.91
CA LEU A 76 -4.57 -27.13 8.49
C LEU A 76 -4.33 -28.53 7.96
N ARG A 77 -4.84 -28.77 6.73
CA ARG A 77 -4.59 -30.01 6.02
C ARG A 77 -3.11 -30.37 6.09
N PRO A 78 -2.75 -31.62 6.45
CA PRO A 78 -1.34 -31.93 6.71
C PRO A 78 -0.46 -31.91 5.47
N ASP A 79 -1.03 -31.89 4.26
CA ASP A 79 -0.23 -31.79 3.06
C ASP A 79 0.18 -30.35 2.71
N PHE A 80 -0.22 -29.36 3.50
CA PHE A 80 0.38 -28.03 3.47
C PHE A 80 1.25 -27.90 4.71
N SER A 81 2.27 -27.04 4.64
CA SER A 81 3.16 -26.87 5.78
C SER A 81 3.07 -25.43 6.28
N ILE A 82 3.62 -25.19 7.48
CA ILE A 82 3.46 -23.89 8.16
C ILE A 82 4.82 -23.27 8.41
N ALA A 83 4.90 -21.95 8.26
CA ALA A 83 6.09 -21.18 8.54
C ALA A 83 5.78 -20.10 9.56
N ALA A 84 6.73 -19.85 10.44
CA ALA A 84 6.71 -18.63 11.22
C ALA A 84 7.21 -17.46 10.35
N GLN A 85 6.90 -16.24 10.77
CA GLN A 85 7.27 -15.06 9.98
C GLN A 85 8.61 -14.49 10.36
N ASN A 86 9.24 -15.02 11.40
CA ASN A 86 10.52 -14.52 11.90
C ASN A 86 10.93 -15.46 13.03
N CYS A 87 12.21 -15.38 13.42
CA CYS A 87 12.67 -15.92 14.69
C CYS A 87 13.90 -15.13 15.15
N TRP A 88 14.37 -15.44 16.36
CA TRP A 88 15.53 -14.72 16.88
C TRP A 88 16.82 -15.23 16.22
N VAL A 89 17.89 -14.44 16.38
CA VAL A 89 19.13 -14.70 15.64
C VAL A 89 19.94 -15.83 16.26
N ARG A 90 19.69 -16.17 17.51
CA ARG A 90 20.47 -17.20 18.20
C ARG A 90 19.56 -17.90 19.20
N LYS A 91 20.16 -18.75 20.02
CA LYS A 91 19.41 -19.52 21.00
C LYS A 91 18.68 -18.61 21.96
N GLY A 92 17.61 -19.13 22.54
CA GLY A 92 16.79 -18.34 23.45
C GLY A 92 17.51 -17.99 24.74
N GLY A 93 16.75 -17.32 25.61
CA GLY A 93 17.29 -16.78 26.84
C GLY A 93 16.68 -15.42 27.12
N ALA A 94 17.52 -14.46 27.49
CA ALA A 94 17.02 -13.17 27.94
C ALA A 94 16.79 -12.23 26.74
N PHE A 95 15.76 -12.56 25.95
CA PHE A 95 15.38 -11.79 24.75
C PHE A 95 13.86 -11.59 24.77
N THR A 96 13.41 -10.67 25.62
CA THR A 96 11.98 -10.41 25.77
C THR A 96 11.36 -10.03 24.44
N GLY A 97 10.24 -10.69 24.10
CA GLY A 97 9.51 -10.42 22.88
C GLY A 97 9.85 -11.33 21.72
N GLU A 98 10.99 -12.02 21.78
CA GLU A 98 11.48 -12.83 20.68
C GLU A 98 11.05 -14.29 20.80
N VAL A 99 11.00 -14.94 19.63
CA VAL A 99 10.66 -16.37 19.51
C VAL A 99 11.87 -17.06 18.88
N SER A 100 12.38 -18.07 19.57
CA SER A 100 13.60 -18.77 19.15
C SER A 100 13.29 -19.86 18.13
N ALA A 101 14.30 -20.19 17.32
CA ALA A 101 14.15 -21.27 16.34
C ALA A 101 13.82 -22.59 17.02
N GLU A 102 14.45 -22.89 18.15
CA GLU A 102 14.14 -24.15 18.82
C GLU A 102 12.71 -24.18 19.38
N MET A 103 12.14 -23.02 19.67
CA MET A 103 10.76 -22.94 20.13
C MET A 103 9.80 -23.40 19.04
N LEU A 104 10.10 -22.99 17.80
CA LEU A 104 9.29 -23.37 16.66
C LEU A 104 9.40 -24.85 16.38
N ILE A 105 10.62 -25.39 16.43
CA ILE A 105 10.81 -26.83 16.26
C ILE A 105 10.01 -27.58 17.32
N ASN A 106 10.00 -27.06 18.56
CA ASN A 106 9.28 -27.73 19.65
C ASN A 106 7.78 -27.79 19.38
N LEU A 107 7.24 -26.78 18.70
CA LEU A 107 5.81 -26.70 18.44
C LEU A 107 5.44 -27.37 17.12
N GLY A 108 6.42 -27.96 16.44
CA GLY A 108 6.16 -28.64 15.19
C GLY A 108 5.99 -27.74 13.99
N ILE A 109 6.62 -26.56 13.99
CA ILE A 109 6.55 -25.62 12.87
C ILE A 109 7.82 -25.80 12.05
N PRO A 110 7.74 -26.28 10.78
CA PRO A 110 8.94 -26.70 10.07
C PRO A 110 9.66 -25.62 9.25
N TRP A 111 8.96 -24.52 8.94
CA TRP A 111 9.52 -23.46 8.10
C TRP A 111 9.59 -22.13 8.85
N VAL A 112 10.44 -21.23 8.34
CA VAL A 112 10.46 -19.85 8.79
C VAL A 112 10.79 -18.94 7.60
N ILE A 113 10.13 -17.79 7.56
CA ILE A 113 10.47 -16.73 6.61
C ILE A 113 11.47 -15.81 7.29
N LEU A 114 12.55 -15.49 6.59
CA LEU A 114 13.59 -14.66 7.19
C LEU A 114 14.06 -13.61 6.21
N GLY A 115 14.37 -12.42 6.74
CA GLY A 115 14.84 -11.33 5.92
C GLY A 115 13.78 -10.67 5.07
N HIS A 116 12.52 -10.73 5.50
CA HIS A 116 11.51 -10.03 4.72
C HIS A 116 11.81 -8.54 4.66
N SER A 117 11.51 -7.92 3.52
CA SER A 117 11.81 -6.50 3.33
C SER A 117 11.24 -5.64 4.45
N GLU A 118 10.04 -5.97 4.95
CA GLU A 118 9.48 -5.16 6.03
C GLU A 118 10.37 -5.19 7.28
N ARG A 119 11.13 -6.26 7.47
CA ARG A 119 12.03 -6.30 8.61
C ARG A 119 13.39 -5.68 8.28
N ARG A 120 13.90 -5.89 7.08
CA ARG A 120 15.15 -5.23 6.68
C ARG A 120 15.01 -3.72 6.76
N GLN A 121 13.85 -3.18 6.33
CA GLN A 121 13.64 -1.73 6.26
C GLN A 121 13.14 -1.17 7.59
N LEU A 122 11.92 -1.55 8.01
CA LEU A 122 11.32 -0.93 9.19
C LEU A 122 11.96 -1.41 10.50
N LEU A 123 12.54 -2.61 10.54
CA LEU A 123 13.20 -3.08 11.75
C LEU A 123 14.71 -3.19 11.58
N ASN A 124 15.25 -2.70 10.46
CA ASN A 124 16.70 -2.47 10.30
C ASN A 124 17.51 -3.75 10.45
N GLU A 125 16.99 -4.87 9.94
CA GLU A 125 17.77 -6.10 9.90
C GLU A 125 18.79 -5.99 8.77
N SER A 126 20.07 -6.04 9.13
CA SER A 126 21.15 -5.91 8.16
C SER A 126 21.32 -7.19 7.34
N ASP A 127 22.07 -7.07 6.24
CA ASP A 127 22.33 -8.22 5.37
C ASP A 127 22.95 -9.37 6.16
N ASP A 128 23.94 -9.07 6.99
CA ASP A 128 24.59 -10.11 7.77
C ASP A 128 23.76 -10.57 8.96
N PHE A 129 22.94 -9.68 9.54
CA PHE A 129 22.03 -10.12 10.60
C PHE A 129 21.08 -11.18 10.06
N VAL A 130 20.45 -10.90 8.91
CA VAL A 130 19.58 -11.87 8.26
C VAL A 130 20.35 -13.15 7.96
N GLY A 131 21.58 -13.03 7.47
CA GLY A 131 22.37 -14.23 7.22
C GLY A 131 22.66 -15.03 8.48
N ASP A 132 22.95 -14.34 9.59
CA ASP A 132 23.18 -15.05 10.85
C ASP A 132 21.90 -15.75 11.31
N LYS A 133 20.75 -15.13 11.10
CA LYS A 133 19.48 -15.75 11.50
C LYS A 133 19.19 -16.98 10.65
N VAL A 134 19.39 -16.87 9.34
CA VAL A 134 19.23 -18.02 8.44
C VAL A 134 20.12 -19.17 8.89
N ALA A 135 21.39 -18.88 9.15
CA ALA A 135 22.34 -19.92 9.56
C ALA A 135 21.86 -20.62 10.83
N TYR A 136 21.36 -19.86 11.81
CA TYR A 136 20.94 -20.49 13.05
C TYR A 136 19.65 -21.27 12.88
N ALA A 137 18.69 -20.72 12.14
CA ALA A 137 17.45 -21.45 11.90
C ALA A 137 17.72 -22.77 11.21
N LEU A 138 18.66 -22.79 10.26
CA LEU A 138 18.98 -24.02 9.56
C LEU A 138 19.60 -25.06 10.50
N ILE A 139 20.53 -24.66 11.36
CA ILE A 139 21.19 -25.66 12.21
C ILE A 139 20.24 -26.18 13.28
N GLN A 140 19.20 -25.43 13.65
CA GLN A 140 18.20 -25.96 14.58
C GLN A 140 17.18 -26.85 13.91
N GLY A 141 17.21 -26.99 12.57
CA GLY A 141 16.32 -27.91 11.89
C GLY A 141 15.23 -27.27 11.05
N LEU A 142 15.09 -25.95 11.07
CA LEU A 142 14.06 -25.27 10.29
C LEU A 142 14.45 -25.22 8.82
N LYS A 143 13.43 -25.24 7.96
CA LYS A 143 13.62 -24.86 6.56
C LYS A 143 13.31 -23.37 6.42
N VAL A 144 14.04 -22.70 5.51
CA VAL A 144 14.03 -21.23 5.49
C VAL A 144 13.63 -20.73 4.11
N ILE A 145 12.66 -19.82 4.07
CA ILE A 145 12.40 -18.94 2.94
C ILE A 145 13.18 -17.65 3.21
N ALA A 146 14.24 -17.42 2.45
CA ALA A 146 15.11 -16.29 2.71
C ALA A 146 14.84 -15.22 1.66
N CYS A 147 14.46 -14.03 2.10
CA CYS A 147 13.97 -13.00 1.19
C CYS A 147 15.11 -12.06 0.78
N VAL A 148 15.15 -11.72 -0.51
CA VAL A 148 16.08 -10.72 -1.03
C VAL A 148 15.30 -9.79 -1.97
N GLY A 149 15.91 -8.66 -2.32
CA GLY A 149 15.25 -7.74 -3.23
C GLY A 149 15.68 -6.29 -3.13
N GLU A 150 15.70 -5.60 -4.26
CA GLU A 150 16.20 -4.23 -4.37
C GLU A 150 15.08 -3.21 -4.16
N THR A 151 15.46 -2.02 -3.70
CA THR A 151 14.54 -0.89 -3.61
C THR A 151 14.27 -0.28 -4.98
N LEU A 152 13.25 0.59 -5.04
CA LEU A 152 12.97 1.33 -6.27
C LEU A 152 14.20 2.10 -6.74
N GLU A 153 14.82 2.85 -5.82
CA GLU A 153 15.97 3.66 -6.19
C GLU A 153 17.12 2.80 -6.67
N GLN A 154 17.28 1.63 -6.06
CA GLN A 154 18.36 0.74 -6.49
C GLN A 154 18.11 0.21 -7.89
N ARG A 155 16.88 -0.21 -8.19
CA ARG A 155 16.58 -0.62 -9.57
C ARG A 155 16.79 0.52 -10.54
N GLU A 156 16.26 1.71 -10.20
CA GLU A 156 16.35 2.83 -11.12
C GLU A 156 17.78 3.26 -11.39
N SER A 157 18.71 2.97 -10.48
CA SER A 157 20.12 3.28 -10.71
C SER A 157 20.85 2.16 -11.41
N GLY A 158 20.16 1.08 -11.76
CA GLY A 158 20.82 -0.02 -12.43
C GLY A 158 21.59 -0.94 -11.52
N ALA A 159 21.19 -1.04 -10.26
CA ALA A 159 21.99 -1.74 -9.25
C ALA A 159 21.39 -3.08 -8.85
N THR A 160 20.34 -3.53 -9.54
CA THR A 160 19.51 -4.62 -9.04
C THR A 160 20.33 -5.86 -8.71
N MET A 161 21.10 -6.38 -9.67
CA MET A 161 21.75 -7.65 -9.34
C MET A 161 22.94 -7.48 -8.42
N LYS A 162 23.56 -6.30 -8.35
CA LYS A 162 24.59 -6.10 -7.33
C LYS A 162 23.99 -6.17 -5.94
N VAL A 163 22.79 -5.61 -5.76
CA VAL A 163 22.15 -5.59 -4.45
C VAL A 163 21.67 -6.99 -4.08
N VAL A 164 20.99 -7.66 -5.03
CA VAL A 164 20.47 -9.00 -4.75
C VAL A 164 21.61 -9.99 -4.52
N ALA A 165 22.67 -9.91 -5.31
CA ALA A 165 23.79 -10.82 -5.09
C ALA A 165 24.40 -10.61 -3.71
N ALA A 166 24.44 -9.37 -3.25
CA ALA A 166 25.08 -9.04 -1.97
C ALA A 166 24.23 -9.53 -0.81
N GLN A 167 22.91 -9.34 -0.90
CA GLN A 167 22.03 -9.91 0.10
C GLN A 167 22.12 -11.42 0.13
N THR A 168 22.20 -12.04 -1.05
CA THR A 168 22.29 -13.50 -1.13
C THR A 168 23.62 -14.01 -0.58
N GLU A 169 24.72 -13.38 -0.97
CA GLU A 169 26.03 -13.76 -0.45
C GLU A 169 26.06 -13.70 1.07
N ALA A 170 25.44 -12.67 1.65
CA ALA A 170 25.50 -12.48 3.10
C ALA A 170 24.72 -13.57 3.84
N ILE A 171 23.84 -14.27 3.13
CA ILE A 171 23.15 -15.43 3.69
C ILE A 171 23.94 -16.70 3.43
N PHE A 172 24.27 -16.92 2.16
CA PHE A 172 24.89 -18.19 1.75
C PHE A 172 26.31 -18.33 2.31
N ASP A 173 27.02 -17.22 2.56
CA ASP A 173 28.37 -17.34 3.12
C ASP A 173 28.38 -17.65 4.61
N LYS A 174 27.22 -17.85 5.24
CA LYS A 174 27.20 -18.17 6.64
C LYS A 174 26.91 -19.63 6.94
N VAL A 175 26.60 -20.44 5.93
CA VAL A 175 26.30 -21.85 6.13
C VAL A 175 27.15 -22.72 5.21
N SER A 176 27.29 -23.98 5.59
CA SER A 176 27.99 -24.96 4.79
C SER A 176 27.07 -25.99 4.15
N ASN A 177 25.76 -25.85 4.34
CA ASN A 177 24.76 -26.74 3.74
C ASN A 177 23.56 -25.87 3.35
N TRP A 178 23.21 -25.86 2.06
CA TRP A 178 22.19 -24.94 1.54
C TRP A 178 20.91 -25.65 1.10
N SER A 179 20.71 -26.92 1.49
CA SER A 179 19.67 -27.74 0.86
C SER A 179 18.26 -27.28 1.22
N ASN A 180 18.09 -26.72 2.42
CA ASN A 180 16.77 -26.33 2.90
C ASN A 180 16.56 -24.82 2.84
N ILE A 181 17.21 -24.14 1.90
CA ILE A 181 16.95 -22.73 1.66
C ILE A 181 16.09 -22.62 0.42
N VAL A 182 15.04 -21.80 0.50
CA VAL A 182 14.30 -21.30 -0.66
C VAL A 182 14.54 -19.80 -0.71
N LEU A 183 15.05 -19.31 -1.83
CA LEU A 183 15.26 -17.88 -2.01
C LEU A 183 13.99 -17.25 -2.57
N ALA A 184 13.53 -16.19 -1.92
CA ALA A 184 12.37 -15.46 -2.40
C ALA A 184 12.84 -14.09 -2.87
N TYR A 185 12.70 -13.82 -4.16
CA TYR A 185 13.03 -12.52 -4.73
C TYR A 185 11.78 -11.65 -4.75
N GLU A 186 11.76 -10.61 -3.92
CA GLU A 186 10.62 -9.70 -3.84
C GLU A 186 11.17 -8.29 -4.00
N PRO A 187 11.12 -7.72 -5.20
CA PRO A 187 11.53 -6.32 -5.34
C PRO A 187 10.66 -5.45 -4.43
N VAL A 188 11.32 -4.56 -3.68
CA VAL A 188 10.61 -3.80 -2.67
C VAL A 188 9.49 -2.97 -3.30
N TRP A 189 9.74 -2.46 -4.51
CA TRP A 189 8.79 -1.63 -5.23
C TRP A 189 7.56 -2.39 -5.68
N ALA A 190 7.56 -3.73 -5.55
CA ALA A 190 6.41 -4.56 -5.87
C ALA A 190 5.63 -5.00 -4.64
N ILE A 191 6.12 -4.67 -3.45
CA ILE A 191 5.51 -5.13 -2.20
C ILE A 191 4.38 -4.18 -1.83
N GLY A 192 3.12 -4.65 -1.93
CA GLY A 192 1.95 -3.89 -1.53
C GLY A 192 1.49 -2.82 -2.49
N THR A 193 2.17 -2.63 -3.60
CA THR A 193 2.00 -1.45 -4.43
C THR A 193 1.08 -1.67 -5.61
N GLY A 194 0.75 -2.92 -5.93
CA GLY A 194 0.00 -3.22 -7.12
C GLY A 194 0.84 -3.26 -8.38
N LYS A 195 2.15 -3.04 -8.26
CA LYS A 195 3.11 -3.02 -9.36
C LYS A 195 3.90 -4.31 -9.34
N VAL A 196 3.54 -5.25 -10.18
CA VAL A 196 4.25 -6.52 -10.25
C VAL A 196 5.41 -6.41 -11.25
N ALA A 197 6.47 -7.20 -11.01
CA ALA A 197 7.49 -7.38 -12.04
C ALA A 197 6.85 -8.05 -13.25
N THR A 198 7.36 -7.70 -14.42
CA THR A 198 6.98 -8.43 -15.61
C THR A 198 7.62 -9.82 -15.59
N PRO A 199 7.04 -10.79 -16.30
CA PRO A 199 7.75 -12.06 -16.50
C PRO A 199 9.19 -11.88 -16.98
N ALA A 200 9.43 -10.94 -17.90
CA ALA A 200 10.81 -10.72 -18.35
C ALA A 200 11.70 -10.21 -17.23
N GLN A 201 11.22 -9.26 -16.42
CA GLN A 201 12.01 -8.74 -15.32
C GLN A 201 12.31 -9.82 -14.27
N ALA A 202 11.30 -10.61 -13.91
CA ALA A 202 11.53 -11.69 -12.96
C ALA A 202 12.50 -12.72 -13.51
N GLN A 203 12.29 -13.15 -14.76
CA GLN A 203 13.18 -14.13 -15.35
C GLN A 203 14.63 -13.63 -15.38
N GLU A 204 14.83 -12.35 -15.69
CA GLU A 204 16.18 -11.79 -15.71
C GLU A 204 16.85 -11.93 -14.34
N VAL A 205 16.15 -11.50 -13.27
CA VAL A 205 16.74 -11.58 -11.92
C VAL A 205 16.97 -13.03 -11.52
N HIS A 206 15.95 -13.89 -11.71
CA HIS A 206 16.05 -15.27 -11.22
C HIS A 206 17.16 -16.04 -11.93
N SER A 207 17.31 -15.84 -13.24
CA SER A 207 18.36 -16.54 -13.97
C SER A 207 19.74 -15.98 -13.63
N GLU A 208 19.86 -14.65 -13.51
CA GLU A 208 21.15 -14.06 -13.13
C GLU A 208 21.53 -14.43 -11.71
N LEU A 209 20.55 -14.48 -10.81
CA LEU A 209 20.81 -14.93 -9.44
C LEU A 209 21.25 -16.39 -9.41
N ARG A 210 20.62 -17.23 -10.24
CA ARG A 210 21.00 -18.64 -10.26
C ARG A 210 22.39 -18.83 -10.82
N LYS A 211 22.79 -17.98 -11.78
CA LYS A 211 24.17 -17.98 -12.27
C LYS A 211 25.13 -17.61 -11.16
N TRP A 212 24.73 -16.65 -10.32
CA TRP A 212 25.58 -16.27 -9.20
C TRP A 212 25.81 -17.46 -8.26
N LEU A 213 24.74 -18.21 -7.95
CA LEU A 213 24.91 -19.39 -7.11
C LEU A 213 25.82 -20.40 -7.80
N HIS A 214 25.67 -20.53 -9.12
CA HIS A 214 26.43 -21.52 -9.86
C HIS A 214 27.92 -21.22 -9.81
N ASP A 215 28.27 -19.95 -9.93
CA ASP A 215 29.65 -19.51 -10.07
C ASP A 215 30.33 -19.20 -8.73
N ASN A 216 29.54 -19.07 -7.66
CA ASN A 216 30.08 -18.68 -6.35
C ASN A 216 29.76 -19.70 -5.25
N VAL A 217 28.81 -20.59 -5.46
CA VAL A 217 28.50 -21.62 -4.48
C VAL A 217 28.74 -23.00 -5.11
N GLY A 218 28.05 -23.29 -6.19
CA GLY A 218 28.25 -24.55 -6.87
C GLY A 218 27.13 -24.88 -7.83
N PRO A 219 27.45 -25.67 -8.86
CA PRO A 219 26.43 -26.00 -9.87
C PRO A 219 25.26 -26.77 -9.30
N GLU A 220 25.50 -27.71 -8.38
CA GLU A 220 24.40 -28.49 -7.83
C GLU A 220 23.45 -27.62 -7.02
N VAL A 221 24.00 -26.69 -6.24
CA VAL A 221 23.16 -25.79 -5.46
C VAL A 221 22.35 -24.90 -6.39
N ALA A 222 22.98 -24.37 -7.43
CA ALA A 222 22.26 -23.55 -8.40
C ALA A 222 21.12 -24.34 -9.04
N ALA A 223 21.40 -25.58 -9.43
CA ALA A 223 20.39 -26.40 -10.10
C ALA A 223 19.19 -26.71 -9.19
N SER A 224 19.41 -26.83 -7.88
CA SER A 224 18.38 -27.33 -6.99
C SER A 224 17.68 -26.25 -6.17
N THR A 225 18.30 -25.08 -5.98
CA THR A 225 17.72 -24.06 -5.12
C THR A 225 16.48 -23.45 -5.77
N ARG A 226 15.33 -23.58 -5.13
CA ARG A 226 14.15 -22.88 -5.65
C ARG A 226 14.35 -21.38 -5.48
N ILE A 227 14.06 -20.62 -6.54
CA ILE A 227 14.01 -19.17 -6.45
C ILE A 227 12.59 -18.74 -6.80
N ILE A 228 11.88 -18.19 -5.83
CA ILE A 228 10.47 -17.84 -6.01
C ILE A 228 10.34 -16.33 -6.06
N TYR A 229 9.33 -15.86 -6.81
CA TYR A 229 9.05 -14.45 -6.98
C TYR A 229 7.96 -14.02 -6.00
N GLY A 230 8.13 -12.86 -5.37
CA GLY A 230 7.07 -12.24 -4.61
C GLY A 230 6.93 -10.77 -4.93
N GLY A 231 5.78 -10.21 -4.56
CA GLY A 231 5.52 -8.81 -4.76
C GLY A 231 4.39 -8.57 -5.74
N SER A 232 3.18 -8.39 -5.21
CA SER A 232 1.97 -8.13 -6.00
C SER A 232 1.59 -9.29 -6.90
N VAL A 233 1.86 -10.52 -6.46
CA VAL A 233 1.41 -11.68 -7.22
C VAL A 233 -0.10 -11.83 -7.07
N SER A 234 -0.79 -12.12 -8.17
CA SER A 234 -2.23 -12.26 -8.15
C SER A 234 -2.63 -13.51 -8.93
N GLY A 235 -3.90 -13.91 -8.77
CA GLY A 235 -4.42 -14.97 -9.61
C GLY A 235 -4.35 -14.63 -11.08
N ALA A 236 -4.48 -13.34 -11.41
CA ALA A 236 -4.54 -12.90 -12.80
C ALA A 236 -3.16 -12.82 -13.47
N ASN A 237 -2.09 -12.58 -12.70
CA ASN A 237 -0.77 -12.47 -13.32
C ASN A 237 0.14 -13.66 -13.04
N CYS A 238 -0.26 -14.60 -12.18
CA CYS A 238 0.66 -15.64 -11.76
C CYS A 238 0.99 -16.63 -12.87
N LYS A 239 0.03 -16.92 -13.76
CA LYS A 239 0.27 -17.94 -14.78
C LYS A 239 1.44 -17.57 -15.71
N GLU A 240 1.49 -16.31 -16.15
CA GLU A 240 2.57 -15.93 -17.08
C GLU A 240 3.91 -15.86 -16.37
N LEU A 241 3.92 -15.42 -15.11
CA LEU A 241 5.16 -15.46 -14.34
C LEU A 241 5.65 -16.90 -14.18
N ALA A 242 4.74 -17.82 -13.87
CA ALA A 242 5.15 -19.18 -13.57
C ALA A 242 5.77 -19.89 -14.79
N THR A 243 5.42 -19.44 -16.01
CA THR A 243 5.98 -20.06 -17.21
C THR A 243 7.46 -19.79 -17.40
N LYS A 244 8.04 -18.80 -16.70
CA LYS A 244 9.45 -18.51 -16.90
C LYS A 244 10.31 -19.62 -16.30
N PRO A 245 11.38 -20.03 -16.97
CA PRO A 245 12.07 -21.27 -16.56
C PRO A 245 12.78 -21.17 -15.23
N ASP A 246 13.26 -19.99 -14.85
CA ASP A 246 13.98 -19.88 -13.59
C ASP A 246 13.07 -19.36 -12.47
N VAL A 247 11.78 -19.21 -12.73
CA VAL A 247 10.82 -18.84 -11.69
C VAL A 247 10.22 -20.12 -11.15
N ASP A 248 10.45 -20.42 -9.87
CA ASP A 248 10.13 -21.72 -9.31
C ASP A 248 8.88 -21.68 -8.43
N GLY A 249 8.14 -20.59 -8.45
CA GLY A 249 7.02 -20.44 -7.55
C GLY A 249 6.93 -19.02 -7.07
N PHE A 250 6.15 -18.82 -5.99
CA PHE A 250 5.78 -17.50 -5.53
C PHE A 250 5.81 -17.41 -4.01
N LEU A 251 6.10 -16.21 -3.52
CA LEU A 251 5.82 -15.84 -2.13
C LEU A 251 4.72 -14.79 -2.21
N VAL A 252 3.59 -15.07 -1.60
CA VAL A 252 2.36 -14.32 -1.80
C VAL A 252 2.03 -13.53 -0.55
N GLY A 253 1.79 -12.22 -0.72
CA GLY A 253 1.39 -11.34 0.36
C GLY A 253 -0.10 -11.29 0.60
N GLY A 254 -0.75 -10.17 0.27
CA GLY A 254 -2.14 -10.00 0.64
C GLY A 254 -3.07 -11.04 0.04
N ALA A 255 -2.76 -11.52 -1.16
CA ALA A 255 -3.63 -12.54 -1.74
C ALA A 255 -3.58 -13.86 -0.96
N SER A 256 -2.57 -14.06 -0.11
CA SER A 256 -2.52 -15.29 0.68
C SER A 256 -3.65 -15.37 1.69
N LEU A 257 -4.33 -14.27 1.98
CA LEU A 257 -5.47 -14.25 2.89
C LEU A 257 -6.78 -14.55 2.17
N LYS A 258 -6.75 -14.69 0.86
CA LYS A 258 -7.92 -14.77 0.02
C LYS A 258 -8.00 -16.13 -0.68
N PRO A 259 -9.19 -16.50 -1.13
CA PRO A 259 -9.32 -17.71 -1.97
C PRO A 259 -8.44 -17.70 -3.21
N GLU A 260 -8.07 -16.50 -3.66
CA GLU A 260 -7.19 -16.32 -4.79
C GLU A 260 -5.88 -17.09 -4.61
N PHE A 261 -5.49 -17.33 -3.36
CA PHE A 261 -4.27 -18.09 -3.08
C PHE A 261 -4.33 -19.46 -3.75
N ILE A 262 -5.53 -20.04 -3.84
CA ILE A 262 -5.64 -21.36 -4.45
C ILE A 262 -5.30 -21.29 -5.93
N GLU A 263 -5.74 -20.24 -6.62
CA GLU A 263 -5.43 -20.12 -8.03
C GLU A 263 -3.92 -19.96 -8.27
N ILE A 264 -3.24 -19.24 -7.37
CA ILE A 264 -1.79 -19.15 -7.47
C ILE A 264 -1.12 -20.50 -7.23
N ILE A 265 -1.59 -21.26 -6.22
CA ILE A 265 -1.07 -22.62 -6.05
C ILE A 265 -1.22 -23.42 -7.33
N LYS A 266 -2.38 -23.30 -7.98
CA LYS A 266 -2.66 -24.07 -9.19
C LYS A 266 -1.82 -23.65 -10.39
N SER A 267 -1.13 -22.51 -10.33
CA SER A 267 -0.25 -22.16 -11.44
C SER A 267 0.93 -23.12 -11.53
N ALA A 268 1.08 -24.02 -10.57
CA ALA A 268 2.13 -25.03 -10.57
C ALA A 268 2.15 -25.83 -11.87
N ARG B 23 -17.82 -20.28 -24.62
CA ARG B 23 -17.38 -18.97 -24.15
C ARG B 23 -18.44 -18.37 -23.22
N LYS B 24 -18.03 -17.98 -22.02
CA LYS B 24 -18.98 -17.44 -21.04
C LYS B 24 -19.48 -16.07 -21.50
N PHE B 25 -20.81 -15.94 -21.58
CA PHE B 25 -21.43 -14.67 -21.95
C PHE B 25 -20.91 -13.54 -21.08
N PHE B 26 -20.68 -12.38 -21.69
CA PHE B 26 -19.99 -11.29 -21.02
C PHE B 26 -20.80 -10.02 -21.28
N VAL B 27 -21.14 -9.30 -20.22
CA VAL B 27 -21.85 -8.03 -20.36
C VAL B 27 -21.11 -6.97 -19.57
N GLY B 28 -20.59 -5.97 -20.27
CA GLY B 28 -19.93 -4.85 -19.65
C GLY B 28 -20.78 -3.60 -19.80
N GLY B 29 -20.75 -2.74 -18.79
CA GLY B 29 -21.54 -1.54 -18.84
C GLY B 29 -20.68 -0.31 -18.73
N ASN B 30 -20.58 0.44 -19.83
CA ASN B 30 -19.71 1.61 -19.93
C ASN B 30 -20.48 2.87 -19.58
N TRP B 31 -20.26 3.40 -18.37
CA TRP B 31 -21.02 4.58 -17.94
C TRP B 31 -20.57 5.83 -18.67
N LYS B 32 -19.42 5.76 -19.34
CA LYS B 32 -18.83 6.90 -20.02
C LYS B 32 -18.65 8.06 -19.05
N CYS B 33 -18.59 9.28 -19.59
CA CYS B 33 -18.42 10.48 -18.78
C CYS B 33 -19.74 10.94 -18.18
N ASN B 34 -20.29 10.09 -17.31
CA ASN B 34 -21.59 10.35 -16.70
C ASN B 34 -21.54 9.97 -15.24
N GLY B 35 -22.25 10.75 -14.42
CA GLY B 35 -22.46 10.34 -13.05
C GLY B 35 -22.25 11.45 -12.05
N THR B 36 -23.15 11.50 -11.09
CA THR B 36 -23.00 12.24 -9.84
C THR B 36 -22.96 11.23 -8.70
N ALA B 37 -22.51 11.68 -7.53
CA ALA B 37 -22.54 10.81 -6.36
C ALA B 37 -23.94 10.22 -6.19
N GLU B 38 -24.96 11.06 -6.23
CA GLU B 38 -26.33 10.59 -5.98
C GLU B 38 -26.79 9.63 -7.07
N GLU B 39 -26.47 9.94 -8.33
CA GLU B 39 -26.92 9.07 -9.42
C GLU B 39 -26.20 7.72 -9.37
N VAL B 40 -24.91 7.74 -9.02
CA VAL B 40 -24.17 6.50 -8.89
C VAL B 40 -24.75 5.66 -7.76
N LYS B 41 -25.20 6.32 -6.68
CA LYS B 41 -25.84 5.62 -5.56
C LYS B 41 -27.08 4.87 -6.01
N LYS B 42 -27.96 5.55 -6.77
CA LYS B 42 -29.19 4.89 -7.22
C LYS B 42 -28.89 3.76 -8.21
N ILE B 43 -27.93 3.96 -9.11
CA ILE B 43 -27.57 2.92 -10.07
C ILE B 43 -27.09 1.67 -9.34
N VAL B 44 -26.22 1.85 -8.36
CA VAL B 44 -25.67 0.71 -7.63
C VAL B 44 -26.76 0.00 -6.84
N THR B 45 -27.66 0.78 -6.21
CA THR B 45 -28.75 0.18 -5.44
C THR B 45 -29.66 -0.66 -6.32
N THR B 46 -29.94 -0.17 -7.53
CA THR B 46 -30.74 -0.94 -8.48
C THR B 46 -30.01 -2.21 -8.91
N LEU B 47 -28.71 -2.12 -9.16
CA LEU B 47 -27.94 -3.32 -9.47
C LEU B 47 -27.92 -4.28 -8.31
N ASN B 48 -27.83 -3.77 -7.08
CA ASN B 48 -27.69 -4.66 -5.93
C ASN B 48 -28.97 -5.44 -5.66
N GLU B 49 -30.11 -4.91 -6.06
CA GLU B 49 -31.39 -5.59 -5.86
C GLU B 49 -31.76 -6.56 -6.97
N ALA B 50 -30.97 -6.65 -8.03
CA ALA B 50 -31.39 -7.35 -9.23
C ALA B 50 -31.10 -8.84 -9.14
N GLU B 51 -31.92 -9.63 -9.85
CA GLU B 51 -31.80 -11.09 -9.94
C GLU B 51 -31.36 -11.47 -11.35
N VAL B 52 -30.10 -11.89 -11.49
CA VAL B 52 -29.47 -12.17 -12.78
C VAL B 52 -28.88 -13.58 -12.75
N PRO B 53 -28.51 -14.14 -13.90
CA PRO B 53 -27.88 -15.47 -13.89
C PRO B 53 -26.61 -15.50 -13.05
N SER B 54 -26.24 -16.71 -12.65
CA SER B 54 -25.08 -16.88 -11.78
C SER B 54 -23.80 -16.52 -12.50
N GLU B 55 -22.72 -16.48 -11.71
CA GLU B 55 -21.39 -16.16 -12.22
C GLU B 55 -20.85 -17.25 -13.14
N ASP B 56 -21.44 -18.46 -13.10
CA ASP B 56 -21.09 -19.49 -14.07
C ASP B 56 -21.76 -19.27 -15.42
N ASP B 57 -22.86 -18.50 -15.46
CA ASP B 57 -23.62 -18.29 -16.68
C ASP B 57 -23.33 -16.96 -17.35
N VAL B 58 -22.89 -15.96 -16.60
CA VAL B 58 -22.63 -14.66 -17.19
C VAL B 58 -21.58 -13.94 -16.35
N GLU B 59 -20.78 -13.12 -17.02
CA GLU B 59 -19.72 -12.33 -16.40
C GLU B 59 -20.07 -10.86 -16.60
N VAL B 60 -20.38 -10.16 -15.50
CA VAL B 60 -20.84 -8.77 -15.52
C VAL B 60 -19.73 -7.85 -15.03
N VAL B 61 -19.47 -6.80 -15.80
CA VAL B 61 -18.50 -5.76 -15.47
C VAL B 61 -19.20 -4.40 -15.60
N VAL B 62 -18.98 -3.50 -14.64
CA VAL B 62 -19.50 -2.14 -14.76
C VAL B 62 -18.31 -1.17 -14.75
N SER B 63 -18.42 -0.08 -15.53
CA SER B 63 -17.29 0.83 -15.74
C SER B 63 -17.65 2.27 -15.45
N PRO B 64 -17.46 2.73 -14.21
CA PRO B 64 -17.72 4.14 -13.88
C PRO B 64 -16.52 5.01 -14.18
N PRO B 65 -16.67 6.33 -14.12
CA PRO B 65 -15.51 7.21 -14.28
C PRO B 65 -14.52 7.04 -13.14
N PHE B 66 -13.30 7.52 -13.38
CA PHE B 66 -12.20 7.33 -12.42
C PHE B 66 -12.57 7.77 -11.04
N VAL B 67 -13.27 8.91 -10.94
CA VAL B 67 -13.44 9.53 -9.63
C VAL B 67 -14.42 8.76 -8.77
N PHE B 68 -15.18 7.82 -9.36
CA PHE B 68 -16.16 7.03 -8.65
C PHE B 68 -15.76 5.57 -8.50
N LEU B 69 -14.57 5.16 -8.97
CA LEU B 69 -14.22 3.75 -8.95
C LEU B 69 -14.23 3.17 -7.54
N THR B 70 -13.59 3.84 -6.58
CA THR B 70 -13.60 3.27 -5.23
C THR B 70 -14.98 3.34 -4.60
N LEU B 71 -15.75 4.37 -4.90
CA LEU B 71 -17.13 4.44 -4.41
C LEU B 71 -17.93 3.22 -4.85
N VAL B 72 -17.87 2.90 -6.14
CA VAL B 72 -18.61 1.75 -6.65
C VAL B 72 -18.02 0.46 -6.10
N LYS B 73 -16.68 0.36 -6.06
CA LYS B 73 -16.04 -0.84 -5.53
C LYS B 73 -16.51 -1.17 -4.12
N THR B 74 -16.68 -0.14 -3.27
CA THR B 74 -17.04 -0.41 -1.88
C THR B 74 -18.53 -0.61 -1.65
N LEU B 75 -19.40 -0.32 -2.63
CA LEU B 75 -20.83 -0.50 -2.44
C LEU B 75 -21.47 -1.56 -3.34
N LEU B 76 -20.84 -1.96 -4.44
CA LEU B 76 -21.47 -2.82 -5.44
C LEU B 76 -21.31 -4.29 -5.07
N ARG B 77 -22.35 -5.09 -5.36
CA ARG B 77 -22.31 -6.53 -5.12
C ARG B 77 -21.00 -7.11 -5.67
N PRO B 78 -20.35 -8.04 -4.96
CA PRO B 78 -19.03 -8.50 -5.39
C PRO B 78 -19.04 -9.47 -6.56
N ASP B 79 -20.19 -10.05 -6.93
CA ASP B 79 -20.21 -10.93 -8.09
C ASP B 79 -20.24 -10.15 -9.40
N PHE B 80 -20.39 -8.83 -9.36
CA PHE B 80 -20.11 -7.96 -10.48
C PHE B 80 -18.71 -7.41 -10.30
N SER B 81 -18.01 -7.18 -11.40
CA SER B 81 -16.66 -6.64 -11.32
C SER B 81 -16.63 -5.24 -11.90
N ILE B 82 -15.57 -4.50 -11.56
CA ILE B 82 -15.45 -3.09 -11.89
C ILE B 82 -14.34 -2.89 -12.91
N ALA B 83 -14.58 -2.02 -13.87
CA ALA B 83 -13.60 -1.66 -14.88
C ALA B 83 -13.35 -0.16 -14.86
N ALA B 84 -12.10 0.23 -15.07
CA ALA B 84 -11.81 1.63 -15.41
C ALA B 84 -11.99 1.84 -16.91
N GLN B 85 -12.28 3.07 -17.28
CA GLN B 85 -12.58 3.42 -18.66
C GLN B 85 -11.35 3.68 -19.50
N ASN B 86 -10.15 3.69 -18.91
CA ASN B 86 -8.92 3.98 -19.60
C ASN B 86 -7.79 3.77 -18.59
N CYS B 87 -6.56 3.67 -19.10
CA CYS B 87 -5.38 3.79 -18.25
C CYS B 87 -4.20 4.20 -19.13
N TRP B 88 -3.09 4.53 -18.47
CA TRP B 88 -1.91 5.04 -19.15
C TRP B 88 -1.21 3.95 -19.96
N VAL B 89 -0.37 4.39 -20.91
CA VAL B 89 0.33 3.47 -21.80
C VAL B 89 1.50 2.75 -21.14
N ARG B 90 2.05 3.26 -20.05
CA ARG B 90 3.17 2.60 -19.40
C ARG B 90 3.08 2.87 -17.90
N LYS B 91 4.15 2.54 -17.18
CA LYS B 91 4.16 2.74 -15.74
C LYS B 91 3.97 4.20 -15.40
N GLY B 92 3.63 4.46 -14.15
CA GLY B 92 3.34 5.79 -13.71
C GLY B 92 4.58 6.65 -13.59
N GLY B 93 4.35 7.87 -13.15
CA GLY B 93 5.41 8.86 -13.13
C GLY B 93 4.90 10.21 -13.57
N ALA B 94 5.71 10.94 -14.34
CA ALA B 94 5.41 12.34 -14.66
C ALA B 94 4.50 12.44 -15.89
N PHE B 95 3.21 12.11 -15.65
CA PHE B 95 2.17 12.12 -16.66
C PHE B 95 0.91 12.73 -16.03
N THR B 96 0.95 14.04 -15.87
CA THR B 96 -0.16 14.78 -15.27
C THR B 96 -1.49 14.42 -15.91
N GLY B 97 -2.45 14.04 -15.06
CA GLY B 97 -3.81 13.77 -15.48
C GLY B 97 -4.10 12.33 -15.84
N GLU B 98 -3.09 11.47 -15.87
CA GLU B 98 -3.26 10.09 -16.27
C GLU B 98 -3.34 9.17 -15.04
N VAL B 99 -3.94 8.00 -15.24
CA VAL B 99 -4.06 6.95 -14.22
C VAL B 99 -3.36 5.70 -14.74
N SER B 100 -2.39 5.17 -13.97
CA SER B 100 -1.59 4.01 -14.34
C SER B 100 -2.31 2.70 -14.01
N ALA B 101 -1.93 1.64 -14.74
CA ALA B 101 -2.52 0.33 -14.48
C ALA B 101 -2.25 -0.15 -13.04
N GLU B 102 -1.01 0.03 -12.55
CA GLU B 102 -0.70 -0.40 -11.19
C GLU B 102 -1.53 0.32 -10.14
N MET B 103 -1.86 1.58 -10.40
CA MET B 103 -2.75 2.34 -9.53
C MET B 103 -4.12 1.69 -9.44
N LEU B 104 -4.68 1.27 -10.58
CA LEU B 104 -5.96 0.56 -10.54
C LEU B 104 -5.84 -0.76 -9.79
N ILE B 105 -4.73 -1.47 -9.97
CA ILE B 105 -4.57 -2.75 -9.28
C ILE B 105 -4.46 -2.53 -7.77
N ASN B 106 -3.77 -1.46 -7.38
CA ASN B 106 -3.65 -1.12 -5.95
C ASN B 106 -5.01 -0.82 -5.33
N LEU B 107 -5.92 -0.24 -6.10
CA LEU B 107 -7.27 0.06 -5.60
C LEU B 107 -8.25 -1.09 -5.83
N GLY B 108 -7.76 -2.27 -6.23
CA GLY B 108 -8.62 -3.43 -6.40
C GLY B 108 -9.53 -3.38 -7.60
N ILE B 109 -9.12 -2.70 -8.67
CA ILE B 109 -9.93 -2.60 -9.88
C ILE B 109 -9.42 -3.65 -10.86
N PRO B 110 -10.21 -4.66 -11.21
CA PRO B 110 -9.69 -5.80 -11.99
C PRO B 110 -9.72 -5.64 -13.50
N TRP B 111 -10.54 -4.74 -14.03
CA TRP B 111 -10.73 -4.61 -15.46
C TRP B 111 -10.40 -3.20 -15.94
N VAL B 112 -10.13 -3.08 -17.23
CA VAL B 112 -9.99 -1.77 -17.89
C VAL B 112 -10.53 -1.87 -19.32
N ILE B 113 -11.22 -0.80 -19.76
CA ILE B 113 -11.63 -0.64 -21.16
C ILE B 113 -10.55 0.16 -21.86
N LEU B 114 -10.06 -0.36 -22.99
CA LEU B 114 -8.97 0.27 -23.75
C LEU B 114 -9.34 0.34 -25.22
N GLY B 115 -9.02 1.47 -25.83
CA GLY B 115 -9.25 1.62 -27.26
C GLY B 115 -10.66 2.00 -27.64
N HIS B 116 -11.46 2.48 -26.68
CA HIS B 116 -12.84 2.82 -26.99
C HIS B 116 -12.89 3.83 -28.13
N SER B 117 -13.95 3.72 -28.93
CA SER B 117 -14.03 4.53 -30.14
C SER B 117 -13.90 6.01 -29.83
N GLU B 118 -14.50 6.46 -28.72
CA GLU B 118 -14.47 7.87 -28.38
C GLU B 118 -13.06 8.36 -28.08
N ARG B 119 -12.19 7.49 -27.58
CA ARG B 119 -10.79 7.88 -27.38
C ARG B 119 -10.02 7.83 -28.69
N ARG B 120 -10.28 6.83 -29.53
CA ARG B 120 -9.62 6.75 -30.83
C ARG B 120 -9.95 7.95 -31.71
N GLN B 121 -11.18 8.46 -31.62
CA GLN B 121 -11.64 9.55 -32.47
C GLN B 121 -11.40 10.93 -31.83
N LEU B 122 -11.73 11.10 -30.56
CA LEU B 122 -11.68 12.44 -29.99
C LEU B 122 -10.38 12.74 -29.24
N LEU B 123 -9.72 11.73 -28.69
CA LEU B 123 -8.42 11.90 -28.07
C LEU B 123 -7.30 11.35 -28.94
N ASN B 124 -7.64 10.92 -30.17
CA ASN B 124 -6.66 10.61 -31.21
C ASN B 124 -5.70 9.50 -30.79
N GLU B 125 -6.21 8.51 -30.05
CA GLU B 125 -5.40 7.35 -29.68
C GLU B 125 -5.16 6.50 -30.92
N SER B 126 -3.89 6.28 -31.25
CA SER B 126 -3.55 5.53 -32.45
C SER B 126 -3.68 4.03 -32.20
N ASP B 127 -3.67 3.26 -33.30
CA ASP B 127 -3.78 1.81 -33.20
C ASP B 127 -2.67 1.24 -32.32
N ASP B 128 -1.45 1.72 -32.54
CA ASP B 128 -0.31 1.20 -31.80
C ASP B 128 -0.33 1.66 -30.36
N PHE B 129 -0.73 2.91 -30.12
CA PHE B 129 -0.88 3.42 -28.75
C PHE B 129 -1.79 2.51 -27.94
N VAL B 130 -2.94 2.16 -28.53
CA VAL B 130 -3.88 1.27 -27.86
C VAL B 130 -3.26 -0.10 -27.63
N GLY B 131 -2.56 -0.62 -28.64
CA GLY B 131 -1.91 -1.91 -28.48
C GLY B 131 -0.89 -1.92 -27.36
N ASP B 132 -0.07 -0.86 -27.27
CA ASP B 132 0.87 -0.74 -26.16
C ASP B 132 0.13 -0.65 -24.83
N LYS B 133 -0.98 0.10 -24.80
CA LYS B 133 -1.78 0.17 -23.56
C LYS B 133 -2.26 -1.22 -23.15
N VAL B 134 -2.83 -1.96 -24.10
CA VAL B 134 -3.39 -3.28 -23.76
C VAL B 134 -2.29 -4.20 -23.22
N ALA B 135 -1.14 -4.22 -23.89
CA ALA B 135 -0.03 -5.05 -23.48
C ALA B 135 0.42 -4.71 -22.07
N TYR B 136 0.43 -3.42 -21.74
CA TYR B 136 0.95 -3.03 -20.45
C TYR B 136 -0.06 -3.33 -19.35
N ALA B 137 -1.36 -3.11 -19.61
CA ALA B 137 -2.36 -3.50 -18.64
C ALA B 137 -2.33 -5.00 -18.40
N LEU B 138 -2.14 -5.79 -19.46
CA LEU B 138 -2.20 -7.23 -19.30
C LEU B 138 -0.99 -7.76 -18.53
N ILE B 139 0.20 -7.20 -18.77
CA ILE B 139 1.36 -7.75 -18.05
C ILE B 139 1.28 -7.39 -16.58
N GLN B 140 0.62 -6.28 -16.24
CA GLN B 140 0.53 -5.89 -14.83
C GLN B 140 -0.50 -6.71 -14.09
N GLY B 141 -1.45 -7.33 -14.79
CA GLY B 141 -2.46 -8.15 -14.14
C GLY B 141 -3.88 -7.68 -14.32
N LEU B 142 -4.13 -6.62 -15.09
CA LEU B 142 -5.50 -6.23 -15.40
C LEU B 142 -6.11 -7.12 -16.48
N LYS B 143 -7.42 -7.25 -16.45
CA LYS B 143 -8.13 -7.85 -17.58
C LYS B 143 -8.68 -6.70 -18.43
N VAL B 144 -8.81 -6.94 -19.74
CA VAL B 144 -8.95 -5.83 -20.69
C VAL B 144 -10.13 -6.07 -21.61
N ILE B 145 -11.06 -5.12 -21.68
CA ILE B 145 -12.02 -5.03 -22.78
C ILE B 145 -11.37 -4.17 -23.86
N ALA B 146 -10.85 -4.80 -24.91
CA ALA B 146 -10.19 -4.08 -25.99
C ALA B 146 -11.18 -3.78 -27.10
N CYS B 147 -11.27 -2.51 -27.49
CA CYS B 147 -12.33 -2.04 -28.38
C CYS B 147 -11.81 -1.79 -29.79
N VAL B 148 -12.57 -2.25 -30.79
CA VAL B 148 -12.25 -2.00 -32.19
C VAL B 148 -13.55 -1.66 -32.89
N GLY B 149 -13.43 -1.03 -34.06
CA GLY B 149 -14.63 -0.60 -34.76
C GLY B 149 -14.36 0.45 -35.82
N GLU B 150 -15.17 0.47 -36.88
CA GLU B 150 -14.93 1.31 -38.04
C GLU B 150 -15.97 2.43 -38.14
N THR B 151 -15.57 3.54 -38.75
CA THR B 151 -16.42 4.72 -38.83
C THR B 151 -17.39 4.60 -39.99
N LEU B 152 -18.26 5.60 -40.12
CA LEU B 152 -19.25 5.58 -41.20
C LEU B 152 -18.58 5.63 -42.56
N GLU B 153 -17.60 6.51 -42.73
CA GLU B 153 -16.91 6.61 -44.01
C GLU B 153 -16.13 5.34 -44.31
N GLN B 154 -15.65 4.65 -43.27
CA GLN B 154 -14.89 3.43 -43.49
C GLN B 154 -15.78 2.26 -43.89
N ARG B 155 -17.03 2.22 -43.40
CA ARG B 155 -17.93 1.17 -43.84
C ARG B 155 -18.44 1.41 -45.27
N GLU B 156 -18.79 2.67 -45.62
CA GLU B 156 -19.25 2.96 -46.97
C GLU B 156 -18.13 2.77 -47.98
N SER B 157 -16.88 2.95 -47.55
CA SER B 157 -15.74 2.70 -48.41
C SER B 157 -15.42 1.22 -48.57
N GLY B 158 -16.12 0.35 -47.85
CA GLY B 158 -15.81 -1.07 -47.88
C GLY B 158 -14.58 -1.44 -47.11
N ALA B 159 -14.14 -0.59 -46.18
CA ALA B 159 -12.89 -0.80 -45.46
C ALA B 159 -13.10 -1.42 -44.08
N THR B 160 -14.29 -1.99 -43.81
CA THR B 160 -14.63 -2.42 -42.46
C THR B 160 -13.60 -3.41 -41.91
N MET B 161 -13.42 -4.54 -42.60
CA MET B 161 -12.53 -5.57 -42.07
C MET B 161 -11.07 -5.17 -42.16
N LYS B 162 -10.69 -4.34 -43.14
CA LYS B 162 -9.32 -3.83 -43.18
C LYS B 162 -9.02 -3.02 -41.93
N VAL B 163 -9.93 -2.13 -41.57
CA VAL B 163 -9.77 -1.29 -40.38
C VAL B 163 -9.79 -2.14 -39.11
N VAL B 164 -10.78 -3.03 -38.96
CA VAL B 164 -10.92 -3.78 -37.72
C VAL B 164 -9.76 -4.75 -37.55
N ALA B 165 -9.33 -5.40 -38.64
CA ALA B 165 -8.15 -6.25 -38.56
C ALA B 165 -6.90 -5.47 -38.18
N ALA B 166 -6.70 -4.29 -38.78
CA ALA B 166 -5.52 -3.50 -38.46
C ALA B 166 -5.53 -3.05 -37.01
N GLN B 167 -6.70 -2.62 -36.52
CA GLN B 167 -6.84 -2.32 -35.10
C GLN B 167 -6.53 -3.54 -34.23
N THR B 168 -7.01 -4.72 -34.64
CA THR B 168 -6.74 -5.91 -33.83
C THR B 168 -5.28 -6.34 -33.96
N GLU B 169 -4.73 -6.24 -35.18
CA GLU B 169 -3.34 -6.65 -35.38
C GLU B 169 -2.39 -5.83 -34.53
N ALA B 170 -2.71 -4.54 -34.31
CA ALA B 170 -1.85 -3.69 -33.49
C ALA B 170 -1.85 -4.14 -32.04
N ILE B 171 -2.98 -4.63 -31.53
CA ILE B 171 -3.00 -5.13 -30.15
C ILE B 171 -2.25 -6.44 -30.05
N PHE B 172 -2.65 -7.41 -30.87
CA PHE B 172 -2.06 -8.73 -30.77
C PHE B 172 -0.65 -8.78 -31.36
N ASP B 173 -0.17 -7.71 -32.01
CA ASP B 173 1.26 -7.60 -32.28
C ASP B 173 2.09 -7.38 -31.03
N LYS B 174 1.47 -7.05 -29.89
CA LYS B 174 2.22 -6.63 -28.73
C LYS B 174 1.88 -7.41 -27.47
N VAL B 175 0.94 -8.35 -27.54
CA VAL B 175 0.60 -9.17 -26.39
C VAL B 175 1.24 -10.53 -26.53
N TRP B 178 -3.39 -13.89 -24.25
CA TRP B 178 -4.69 -13.40 -24.71
C TRP B 178 -5.82 -13.88 -23.80
N SER B 179 -5.49 -14.61 -22.74
CA SER B 179 -6.54 -15.20 -21.93
C SER B 179 -7.37 -14.15 -21.22
N ASN B 180 -6.77 -13.00 -20.88
CA ASN B 180 -7.41 -11.97 -20.08
C ASN B 180 -7.98 -10.83 -20.93
N ILE B 181 -8.16 -11.04 -22.24
CA ILE B 181 -8.69 -10.01 -23.11
C ILE B 181 -10.10 -10.40 -23.53
N VAL B 182 -10.99 -9.41 -23.58
CA VAL B 182 -12.28 -9.52 -24.26
C VAL B 182 -12.27 -8.47 -25.37
N LEU B 183 -12.60 -8.89 -26.58
CA LEU B 183 -12.65 -7.98 -27.72
C LEU B 183 -14.07 -7.45 -27.89
N ALA B 184 -14.20 -6.12 -28.03
CA ALA B 184 -15.50 -5.49 -28.23
C ALA B 184 -15.51 -4.82 -29.59
N TYR B 185 -16.44 -5.22 -30.46
CA TYR B 185 -16.62 -4.59 -31.75
C TYR B 185 -17.68 -3.51 -31.62
N GLU B 186 -17.33 -2.29 -31.98
CA GLU B 186 -18.26 -1.17 -31.90
C GLU B 186 -18.63 -0.79 -33.33
N PRO B 187 -19.88 -0.92 -33.74
CA PRO B 187 -20.26 -0.35 -35.03
C PRO B 187 -20.34 1.16 -34.91
N VAL B 188 -19.18 1.81 -34.99
CA VAL B 188 -19.14 3.27 -34.80
C VAL B 188 -19.98 3.95 -35.86
N TRP B 189 -19.98 3.40 -37.07
CA TRP B 189 -20.82 3.91 -38.15
C TRP B 189 -22.29 3.98 -37.76
N ALA B 190 -22.74 3.11 -36.85
CA ALA B 190 -24.14 3.14 -36.41
C ALA B 190 -24.26 3.89 -35.08
N LYS B 195 -27.99 5.15 -38.17
CA LYS B 195 -28.15 4.07 -39.15
C LYS B 195 -28.68 2.82 -38.47
N VAL B 196 -29.42 2.00 -39.23
CA VAL B 196 -29.85 0.69 -38.75
C VAL B 196 -28.67 -0.27 -38.78
N ALA B 197 -28.42 -0.95 -37.67
CA ALA B 197 -27.41 -2.01 -37.58
C ALA B 197 -28.13 -3.30 -37.19
N THR B 198 -28.06 -4.32 -38.07
CA THR B 198 -28.83 -5.54 -37.90
C THR B 198 -28.00 -6.60 -37.20
N PRO B 199 -28.66 -7.59 -36.57
CA PRO B 199 -27.90 -8.73 -36.03
C PRO B 199 -27.07 -9.46 -37.09
N ALA B 200 -27.55 -9.52 -38.35
CA ALA B 200 -26.78 -10.18 -39.40
C ALA B 200 -25.47 -9.45 -39.68
N GLN B 201 -25.51 -8.11 -39.68
CA GLN B 201 -24.28 -7.34 -39.81
C GLN B 201 -23.34 -7.58 -38.64
N ALA B 202 -23.89 -7.71 -37.43
CA ALA B 202 -23.07 -7.98 -36.26
C ALA B 202 -22.39 -9.34 -36.35
N GLN B 203 -23.17 -10.38 -36.66
CA GLN B 203 -22.64 -11.72 -36.76
C GLN B 203 -21.54 -11.80 -37.81
N GLU B 204 -21.71 -11.07 -38.93
CA GLU B 204 -20.71 -11.04 -39.98
C GLU B 204 -19.38 -10.48 -39.47
N VAL B 205 -19.43 -9.33 -38.80
CA VAL B 205 -18.18 -8.74 -38.33
C VAL B 205 -17.53 -9.64 -37.29
N HIS B 206 -18.32 -10.15 -36.33
CA HIS B 206 -17.75 -10.98 -35.27
C HIS B 206 -17.12 -12.24 -35.83
N SER B 207 -17.76 -12.86 -36.81
CA SER B 207 -17.24 -14.11 -37.35
C SER B 207 -15.96 -13.88 -38.13
N GLU B 208 -15.91 -12.79 -38.91
CA GLU B 208 -14.69 -12.44 -39.64
C GLU B 208 -13.57 -12.04 -38.69
N LEU B 209 -13.92 -11.35 -37.59
CA LEU B 209 -12.91 -11.07 -36.58
C LEU B 209 -12.41 -12.36 -35.93
N ARG B 210 -13.32 -13.28 -35.60
CA ARG B 210 -12.90 -14.54 -35.01
C ARG B 210 -12.02 -15.33 -35.96
N LYS B 211 -12.39 -15.36 -37.25
CA LYS B 211 -11.54 -16.03 -38.22
C LYS B 211 -10.18 -15.35 -38.32
N TRP B 212 -10.13 -14.03 -38.13
CA TRP B 212 -8.83 -13.34 -38.11
C TRP B 212 -7.97 -13.81 -36.95
N LEU B 213 -8.55 -13.91 -35.75
CA LEU B 213 -7.81 -14.50 -34.64
C LEU B 213 -7.34 -15.89 -35.02
N HIS B 214 -8.24 -16.68 -35.62
CA HIS B 214 -7.92 -18.06 -35.98
C HIS B 214 -6.73 -18.14 -36.93
N ASP B 215 -6.69 -17.28 -37.95
CA ASP B 215 -5.62 -17.32 -38.93
C ASP B 215 -4.31 -16.72 -38.42
N ASN B 216 -4.39 -15.76 -37.49
CA ASN B 216 -3.22 -14.95 -37.14
C ASN B 216 -2.69 -15.18 -35.74
N VAL B 217 -3.53 -15.55 -34.79
CA VAL B 217 -3.08 -15.85 -33.43
C VAL B 217 -3.16 -17.34 -33.13
N GLY B 218 -4.24 -17.99 -33.52
CA GLY B 218 -4.34 -19.42 -33.36
C GLY B 218 -5.75 -19.90 -33.12
N PRO B 219 -5.98 -21.20 -33.31
CA PRO B 219 -7.35 -21.71 -33.18
C PRO B 219 -7.88 -21.64 -31.76
N GLU B 220 -7.04 -21.93 -30.75
CA GLU B 220 -7.51 -21.87 -29.37
C GLU B 220 -7.88 -20.44 -28.99
N VAL B 221 -7.11 -19.45 -29.47
CA VAL B 221 -7.39 -18.06 -29.13
C VAL B 221 -8.69 -17.61 -29.79
N ALA B 222 -8.91 -17.99 -31.06
CA ALA B 222 -10.15 -17.63 -31.71
C ALA B 222 -11.35 -18.28 -31.03
N ALA B 223 -11.18 -19.53 -30.59
CA ALA B 223 -12.30 -20.28 -30.04
C ALA B 223 -12.65 -19.86 -28.60
N SER B 224 -11.69 -19.29 -27.86
CA SER B 224 -11.92 -18.92 -26.47
C SER B 224 -12.10 -17.43 -26.24
N THR B 225 -11.66 -16.56 -27.14
CA THR B 225 -11.79 -15.12 -26.92
C THR B 225 -13.26 -14.69 -27.05
N ARG B 226 -13.79 -14.06 -26.00
CA ARG B 226 -15.12 -13.45 -26.10
C ARG B 226 -15.07 -12.24 -27.03
N ILE B 227 -15.97 -12.21 -28.02
CA ILE B 227 -16.17 -11.05 -28.87
C ILE B 227 -17.56 -10.52 -28.59
N ILE B 228 -17.61 -9.33 -27.96
CA ILE B 228 -18.85 -8.75 -27.49
C ILE B 228 -19.18 -7.58 -28.40
N TYR B 229 -20.48 -7.29 -28.50
CA TYR B 229 -21.01 -6.33 -29.46
C TYR B 229 -21.34 -5.03 -28.75
N GLY B 230 -20.86 -3.91 -29.30
CA GLY B 230 -20.99 -2.62 -28.66
C GLY B 230 -21.86 -1.59 -29.36
N GLY B 231 -22.88 -2.02 -30.10
CA GLY B 231 -23.71 -1.07 -30.83
C GLY B 231 -25.07 -0.70 -30.23
N SER B 232 -25.08 0.31 -29.37
CA SER B 232 -26.32 0.88 -28.81
C SER B 232 -27.24 -0.19 -28.22
N VAL B 233 -26.65 -1.09 -27.44
CA VAL B 233 -27.41 -2.22 -26.88
C VAL B 233 -28.43 -1.71 -25.87
N SER B 234 -29.66 -2.22 -25.97
CA SER B 234 -30.73 -1.87 -25.05
C SER B 234 -31.48 -3.14 -24.67
N GLY B 235 -32.33 -3.03 -23.66
CA GLY B 235 -33.18 -4.15 -23.31
C GLY B 235 -34.05 -4.59 -24.47
N ALA B 236 -34.42 -3.63 -25.32
CA ALA B 236 -35.33 -3.90 -26.42
C ALA B 236 -34.67 -4.57 -27.62
N ASN B 237 -33.37 -4.39 -27.84
CA ASN B 237 -32.77 -4.98 -29.04
C ASN B 237 -31.80 -6.13 -28.77
N CYS B 238 -31.53 -6.48 -27.51
CA CYS B 238 -30.40 -7.37 -27.22
C CYS B 238 -30.68 -8.83 -27.55
N LYS B 239 -31.95 -9.25 -27.52
CA LYS B 239 -32.26 -10.68 -27.57
C LYS B 239 -31.83 -11.30 -28.89
N GLU B 240 -32.18 -10.67 -30.01
CA GLU B 240 -31.81 -11.24 -31.30
C GLU B 240 -30.31 -11.14 -31.56
N LEU B 241 -29.66 -10.12 -30.99
CA LEU B 241 -28.21 -10.04 -31.06
C LEU B 241 -27.57 -11.13 -30.21
N ALA B 242 -28.14 -11.37 -29.02
CA ALA B 242 -27.58 -12.38 -28.11
C ALA B 242 -27.58 -13.77 -28.70
N THR B 243 -28.48 -14.07 -29.66
CA THR B 243 -28.59 -15.42 -30.20
C THR B 243 -27.68 -15.66 -31.39
N LYS B 244 -26.91 -14.68 -31.84
CA LYS B 244 -25.97 -14.94 -32.94
C LYS B 244 -24.77 -15.73 -32.46
N PRO B 245 -24.33 -16.74 -33.22
CA PRO B 245 -23.30 -17.66 -32.71
C PRO B 245 -22.00 -17.01 -32.25
N ASP B 246 -21.53 -15.96 -32.91
CA ASP B 246 -20.22 -15.40 -32.61
C ASP B 246 -20.32 -14.12 -31.81
N VAL B 247 -21.51 -13.79 -31.31
CA VAL B 247 -21.72 -12.68 -30.38
C VAL B 247 -21.75 -13.26 -28.98
N ASP B 248 -20.72 -12.94 -28.18
CA ASP B 248 -20.49 -13.49 -26.87
C ASP B 248 -20.97 -12.59 -25.74
N GLY B 249 -21.70 -11.54 -26.05
CA GLY B 249 -22.16 -10.61 -25.05
C GLY B 249 -22.12 -9.20 -25.59
N PHE B 250 -22.11 -8.22 -24.67
CA PHE B 250 -22.33 -6.83 -25.07
C PHE B 250 -21.42 -5.89 -24.30
N LEU B 251 -21.04 -4.80 -24.96
CA LEU B 251 -20.52 -3.60 -24.31
C LEU B 251 -21.61 -2.56 -24.41
N VAL B 252 -22.22 -2.23 -23.28
CA VAL B 252 -23.46 -1.46 -23.24
C VAL B 252 -23.13 -0.02 -22.93
N GLY B 253 -23.71 0.90 -23.70
CA GLY B 253 -23.49 2.32 -23.50
C GLY B 253 -24.47 2.94 -22.54
N GLY B 254 -25.32 3.86 -23.05
CA GLY B 254 -26.20 4.60 -22.18
C GLY B 254 -27.17 3.73 -21.40
N ALA B 255 -27.51 2.55 -21.93
CA ALA B 255 -28.39 1.67 -21.18
C ALA B 255 -27.74 1.18 -19.89
N SER B 256 -26.41 1.26 -19.79
CA SER B 256 -25.79 0.79 -18.56
C SER B 256 -26.11 1.70 -17.38
N LEU B 257 -26.58 2.92 -17.64
CA LEU B 257 -27.00 3.80 -16.56
C LEU B 257 -28.41 3.51 -16.08
N LYS B 258 -29.17 2.70 -16.82
CA LYS B 258 -30.61 2.52 -16.62
C LYS B 258 -30.94 1.15 -16.03
N PRO B 259 -32.14 0.98 -15.47
CA PRO B 259 -32.53 -0.33 -14.91
C PRO B 259 -32.54 -1.43 -15.93
N GLU B 260 -32.76 -1.13 -17.20
CA GLU B 260 -32.85 -2.14 -18.24
C GLU B 260 -31.53 -2.83 -18.53
N PHE B 261 -30.41 -2.31 -18.00
CA PHE B 261 -29.13 -3.04 -18.01
C PHE B 261 -29.30 -4.46 -17.49
N ILE B 262 -30.18 -4.64 -16.50
CA ILE B 262 -30.45 -5.96 -15.93
C ILE B 262 -31.03 -6.90 -16.99
N GLU B 263 -31.90 -6.37 -17.86
CA GLU B 263 -32.48 -7.19 -18.92
C GLU B 263 -31.43 -7.59 -19.95
N ILE B 264 -30.45 -6.73 -20.22
CA ILE B 264 -29.37 -7.13 -21.13
C ILE B 264 -28.55 -8.25 -20.51
N ILE B 265 -28.29 -8.18 -19.20
CA ILE B 265 -27.57 -9.25 -18.54
C ILE B 265 -28.32 -10.57 -18.69
N LYS B 266 -29.65 -10.53 -18.53
CA LYS B 266 -30.44 -11.76 -18.59
C LYS B 266 -30.43 -12.38 -19.98
N SER B 267 -30.05 -11.62 -21.01
CA SER B 267 -29.91 -12.18 -22.35
C SER B 267 -28.95 -13.37 -22.40
N ALA B 268 -28.03 -13.46 -21.43
CA ALA B 268 -27.09 -14.57 -21.38
C ALA B 268 -27.78 -15.91 -21.52
N THR B 269 -29.00 -16.03 -20.98
CA THR B 269 -29.68 -17.31 -20.83
C THR B 269 -30.41 -17.74 -22.08
N ALA C 22 -2.46 43.09 -1.70
CA ALA C 22 -1.31 42.37 -2.25
C ALA C 22 -1.67 40.93 -2.59
N ARG C 23 -1.00 40.39 -3.60
CA ARG C 23 -1.26 39.03 -4.07
C ARG C 23 -0.88 38.02 -3.00
N LYS C 24 -1.77 37.07 -2.74
CA LYS C 24 -1.53 36.07 -1.72
C LYS C 24 -0.69 34.94 -2.29
N PHE C 25 0.41 34.63 -1.60
CA PHE C 25 1.34 33.56 -2.00
C PHE C 25 0.61 32.22 -2.19
N PHE C 26 0.94 31.54 -3.28
CA PHE C 26 0.20 30.37 -3.73
C PHE C 26 1.19 29.23 -3.93
N VAL C 27 0.92 28.07 -3.33
CA VAL C 27 1.77 26.91 -3.52
C VAL C 27 0.88 25.72 -3.89
N GLY C 28 1.10 25.18 -5.08
CA GLY C 28 0.38 24.00 -5.55
C GLY C 28 1.33 22.83 -5.60
N GLY C 29 0.82 21.65 -5.23
CA GLY C 29 1.58 20.41 -5.32
C GLY C 29 0.97 19.47 -6.34
N ASN C 30 1.71 19.17 -7.42
CA ASN C 30 1.23 18.31 -8.50
C ASN C 30 1.82 16.93 -8.31
N TRP C 31 0.99 15.97 -7.85
CA TRP C 31 1.47 14.62 -7.59
C TRP C 31 1.70 13.82 -8.87
N LYS C 32 1.16 14.29 -9.98
CA LYS C 32 1.26 13.58 -11.28
C LYS C 32 0.71 12.16 -11.13
N CYS C 33 1.21 11.24 -11.95
CA CYS C 33 0.67 9.87 -12.00
C CYS C 33 1.41 8.99 -10.99
N ASN C 34 1.28 9.35 -9.73
CA ASN C 34 1.99 8.68 -8.64
C ASN C 34 1.01 8.45 -7.51
N GLY C 35 1.22 7.37 -6.76
CA GLY C 35 0.37 7.15 -5.62
C GLY C 35 -0.21 5.75 -5.46
N THR C 36 -0.16 5.26 -4.22
CA THR C 36 -0.89 4.11 -3.74
C THR C 36 -1.70 4.54 -2.53
N ALA C 37 -2.71 3.73 -2.19
CA ALA C 37 -3.50 3.99 -0.98
C ALA C 37 -2.61 4.25 0.23
N GLU C 38 -1.54 3.46 0.38
CA GLU C 38 -0.71 3.59 1.57
C GLU C 38 0.17 4.83 1.50
N GLU C 39 0.72 5.14 0.32
CA GLU C 39 1.60 6.30 0.24
C GLU C 39 0.80 7.59 0.32
N VAL C 40 -0.40 7.59 -0.25
CA VAL C 40 -1.26 8.78 -0.20
C VAL C 40 -1.61 9.10 1.25
N LYS C 41 -1.98 8.08 2.04
CA LYS C 41 -2.30 8.32 3.44
C LYS C 41 -1.09 8.85 4.21
N LYS C 42 0.11 8.34 3.90
CA LYS C 42 1.32 8.86 4.52
C LYS C 42 1.56 10.32 4.14
N ILE C 43 1.41 10.64 2.85
CA ILE C 43 1.61 12.03 2.44
C ILE C 43 0.64 12.94 3.17
N VAL C 44 -0.64 12.54 3.25
CA VAL C 44 -1.65 13.41 3.84
C VAL C 44 -1.39 13.59 5.34
N THR C 45 -1.02 12.51 6.03
CA THR C 45 -0.74 12.63 7.45
C THR C 45 0.42 13.58 7.69
N THR C 46 1.45 13.51 6.84
CA THR C 46 2.56 14.44 6.97
C THR C 46 2.10 15.89 6.77
N LEU C 47 1.27 16.14 5.76
CA LEU C 47 0.76 17.50 5.55
C LEU C 47 -0.11 17.95 6.70
N ASN C 48 -0.95 17.05 7.23
CA ASN C 48 -1.85 17.42 8.33
C ASN C 48 -1.08 17.81 9.57
N GLU C 49 0.10 17.23 9.76
CA GLU C 49 0.92 17.46 10.93
C GLU C 49 1.80 18.69 10.78
N ALA C 50 1.86 19.27 9.58
CA ALA C 50 2.73 20.38 9.26
C ALA C 50 2.27 21.66 9.94
N GLU C 51 3.25 22.50 10.31
CA GLU C 51 2.96 23.85 10.82
C GLU C 51 3.42 24.83 9.74
N VAL C 52 2.47 25.47 9.09
CA VAL C 52 2.73 26.32 7.92
C VAL C 52 2.08 27.68 8.15
N PRO C 53 2.43 28.70 7.36
CA PRO C 53 1.80 30.01 7.51
C PRO C 53 0.28 29.91 7.37
N SER C 54 -0.41 30.93 7.88
CA SER C 54 -1.86 30.88 7.94
C SER C 54 -2.47 31.04 6.55
N GLU C 55 -3.76 30.72 6.45
CA GLU C 55 -4.47 30.87 5.20
C GLU C 55 -4.47 32.31 4.69
N ASP C 56 -4.25 33.28 5.58
CA ASP C 56 -4.12 34.66 5.12
C ASP C 56 -2.79 34.94 4.46
N ASP C 57 -1.79 34.10 4.69
CA ASP C 57 -0.45 34.30 4.15
C ASP C 57 -0.10 33.36 3.02
N VAL C 58 -0.76 32.21 2.91
CA VAL C 58 -0.42 31.28 1.85
C VAL C 58 -1.67 30.47 1.49
N GLU C 59 -1.83 30.21 0.18
CA GLU C 59 -2.93 29.40 -0.34
C GLU C 59 -2.34 28.10 -0.86
N VAL C 60 -2.63 26.98 -0.20
CA VAL C 60 -2.02 25.70 -0.53
C VAL C 60 -3.03 24.83 -1.27
N VAL C 61 -2.61 24.26 -2.40
CA VAL C 61 -3.43 23.34 -3.17
C VAL C 61 -2.61 22.09 -3.46
N VAL C 62 -3.24 20.93 -3.34
CA VAL C 62 -2.61 19.64 -3.55
C VAL C 62 -3.43 18.88 -4.60
N SER C 63 -2.74 18.18 -5.52
CA SER C 63 -3.36 17.58 -6.70
C SER C 63 -3.09 16.10 -6.86
N PRO C 64 -3.93 15.25 -6.32
CA PRO C 64 -3.78 13.79 -6.50
C PRO C 64 -4.38 13.30 -7.80
N PRO C 65 -4.02 12.09 -8.22
CA PRO C 65 -4.73 11.45 -9.35
C PRO C 65 -6.23 11.34 -9.13
N PHE C 66 -7.01 11.17 -10.22
CA PHE C 66 -8.46 11.13 -10.11
C PHE C 66 -8.94 10.13 -9.07
N VAL C 67 -8.29 8.97 -9.02
CA VAL C 67 -8.80 7.86 -8.23
C VAL C 67 -8.60 8.05 -6.73
N PHE C 68 -7.80 9.03 -6.32
CA PHE C 68 -7.58 9.36 -4.92
C PHE C 68 -8.26 10.64 -4.48
N LEU C 69 -9.02 11.31 -5.35
CA LEU C 69 -9.53 12.64 -5.00
C LEU C 69 -10.50 12.61 -3.82
N THR C 70 -11.44 11.66 -3.81
CA THR C 70 -12.40 11.64 -2.71
C THR C 70 -11.75 11.21 -1.41
N LEU C 71 -10.78 10.30 -1.47
CA LEU C 71 -10.01 9.92 -0.28
C LEU C 71 -9.26 11.11 0.30
N VAL C 72 -8.54 11.86 -0.55
CA VAL C 72 -7.79 12.99 -0.04
C VAL C 72 -8.76 14.08 0.47
N LYS C 73 -9.91 14.25 -0.18
CA LYS C 73 -10.87 15.24 0.31
C LYS C 73 -11.32 14.90 1.72
N THR C 74 -11.51 13.61 1.99
CA THR C 74 -11.90 13.19 3.33
C THR C 74 -10.79 13.43 4.35
N LEU C 75 -9.55 13.08 4.00
CA LEU C 75 -8.48 13.00 4.99
C LEU C 75 -7.70 14.30 5.18
N LEU C 76 -7.69 15.19 4.19
CA LEU C 76 -6.78 16.32 4.22
C LEU C 76 -7.32 17.47 5.07
N ARG C 77 -6.43 18.11 5.85
CA ARG C 77 -6.73 19.34 6.59
C ARG C 77 -7.53 20.29 5.73
N PRO C 78 -8.64 20.86 6.24
CA PRO C 78 -9.52 21.64 5.35
C PRO C 78 -8.99 23.00 4.98
N ASP C 79 -7.93 23.50 5.63
CA ASP C 79 -7.31 24.73 5.18
C ASP C 79 -6.39 24.53 3.98
N PHE C 80 -6.16 23.29 3.54
CA PHE C 80 -5.54 23.03 2.25
C PHE C 80 -6.65 22.65 1.28
N SER C 81 -6.50 23.01 0.01
CA SER C 81 -7.50 22.70 -1.00
C SER C 81 -6.95 21.68 -2.00
N ILE C 82 -7.84 21.15 -2.83
CA ILE C 82 -7.56 20.00 -3.68
C ILE C 82 -7.85 20.34 -5.14
N ALA C 83 -6.95 19.93 -6.02
CA ALA C 83 -7.11 20.07 -7.45
C ALA C 83 -7.06 18.70 -8.15
N ALA C 84 -7.93 18.55 -9.13
CA ALA C 84 -7.72 17.54 -10.16
C ALA C 84 -6.60 18.00 -11.10
N GLN C 85 -6.00 17.03 -11.77
CA GLN C 85 -4.87 17.24 -12.67
C GLN C 85 -5.29 17.48 -14.09
N ASN C 86 -6.58 17.39 -14.38
CA ASN C 86 -7.10 17.52 -15.72
C ASN C 86 -8.61 17.42 -15.64
N CYS C 87 -9.28 17.86 -16.71
CA CYS C 87 -10.69 17.53 -16.90
C CYS C 87 -10.98 17.63 -18.39
N TRP C 88 -12.19 17.23 -18.78
CA TRP C 88 -12.61 17.28 -20.18
C TRP C 88 -12.87 18.74 -20.63
N VAL C 89 -12.86 18.95 -21.94
CA VAL C 89 -12.98 20.30 -22.54
C VAL C 89 -14.40 20.85 -22.47
N ARG C 90 -15.39 19.99 -22.29
CA ARG C 90 -16.77 20.41 -22.33
C ARG C 90 -17.61 19.48 -21.45
N LYS C 91 -18.92 19.68 -21.50
CA LYS C 91 -19.86 18.95 -20.65
C LYS C 91 -19.74 17.45 -20.84
N GLY C 92 -20.13 16.71 -19.80
CA GLY C 92 -20.02 15.27 -19.82
C GLY C 92 -20.92 14.62 -20.85
N GLY C 93 -20.79 13.29 -20.94
CA GLY C 93 -21.46 12.55 -21.99
C GLY C 93 -20.62 11.41 -22.54
N ALA C 94 -20.67 11.23 -23.85
CA ALA C 94 -20.07 10.07 -24.51
C ALA C 94 -18.58 10.33 -24.73
N PHE C 95 -17.84 10.39 -23.62
CA PHE C 95 -16.39 10.66 -23.63
C PHE C 95 -15.72 9.68 -22.67
N THR C 96 -15.64 8.42 -23.10
CA THR C 96 -15.12 7.37 -22.26
C THR C 96 -13.71 7.71 -21.79
N GLY C 97 -13.47 7.58 -20.49
CA GLY C 97 -12.16 7.78 -19.90
C GLY C 97 -11.94 9.17 -19.36
N GLU C 98 -12.79 10.12 -19.72
CA GLU C 98 -12.66 11.51 -19.34
C GLU C 98 -13.50 11.83 -18.10
N VAL C 99 -13.04 12.83 -17.34
CA VAL C 99 -13.70 13.33 -16.15
C VAL C 99 -14.13 14.77 -16.42
N SER C 100 -15.41 15.06 -16.20
CA SER C 100 -15.94 16.38 -16.51
C SER C 100 -15.72 17.34 -15.33
N ALA C 101 -15.70 18.65 -15.66
CA ALA C 101 -15.59 19.66 -14.61
C ALA C 101 -16.77 19.61 -13.64
N GLU C 102 -17.99 19.37 -14.14
CA GLU C 102 -19.13 19.35 -13.21
C GLU C 102 -19.05 18.12 -12.29
N MET C 103 -18.34 17.08 -12.73
CA MET C 103 -18.10 15.91 -11.91
C MET C 103 -17.20 16.24 -10.74
N LEU C 104 -16.16 17.03 -11.00
CA LEU C 104 -15.29 17.50 -9.92
C LEU C 104 -16.03 18.39 -8.94
N ILE C 105 -16.84 19.32 -9.45
CA ILE C 105 -17.66 20.14 -8.57
C ILE C 105 -18.58 19.28 -7.70
N ASN C 106 -19.17 18.25 -8.30
CA ASN C 106 -20.10 17.39 -7.55
C ASN C 106 -19.42 16.66 -6.42
N LEU C 107 -18.13 16.33 -6.56
CA LEU C 107 -17.40 15.65 -5.50
C LEU C 107 -16.70 16.61 -4.56
N GLY C 108 -16.92 17.91 -4.72
CA GLY C 108 -16.34 18.88 -3.80
C GLY C 108 -14.87 19.16 -4.02
N ILE C 109 -14.39 19.09 -5.25
CA ILE C 109 -13.00 19.39 -5.60
C ILE C 109 -12.98 20.79 -6.22
N PRO C 110 -12.30 21.75 -5.62
CA PRO C 110 -12.47 23.14 -6.04
C PRO C 110 -11.54 23.62 -7.16
N TRP C 111 -10.40 22.96 -7.35
CA TRP C 111 -9.39 23.42 -8.29
C TRP C 111 -9.18 22.40 -9.40
N VAL C 112 -8.59 22.85 -10.51
CA VAL C 112 -8.08 21.94 -11.52
C VAL C 112 -6.82 22.56 -12.14
N ILE C 113 -5.82 21.71 -12.39
CA ILE C 113 -4.63 22.05 -13.18
C ILE C 113 -4.94 21.81 -14.65
N LEU C 114 -4.64 22.81 -15.50
CA LEU C 114 -4.93 22.69 -16.92
C LEU C 114 -3.75 23.16 -17.78
N GLY C 115 -3.55 22.47 -18.90
CA GLY C 115 -2.48 22.82 -19.81
C GLY C 115 -1.09 22.43 -19.35
N HIS C 116 -0.97 21.47 -18.44
CA HIS C 116 0.35 21.06 -18.00
C HIS C 116 1.19 20.61 -19.19
N SER C 117 2.50 20.88 -19.11
CA SER C 117 3.36 20.59 -20.27
C SER C 117 3.27 19.11 -20.68
N GLU C 118 3.16 18.20 -19.71
CA GLU C 118 3.08 16.80 -20.07
C GLU C 118 1.84 16.50 -20.92
N ARG C 119 0.79 17.31 -20.80
CA ARG C 119 -0.39 17.12 -21.64
C ARG C 119 -0.28 17.89 -22.96
N ARG C 120 0.31 19.09 -22.94
CA ARG C 120 0.56 19.81 -24.18
C ARG C 120 1.51 19.04 -25.09
N GLN C 121 2.53 18.40 -24.50
CA GLN C 121 3.50 17.70 -25.35
C GLN C 121 3.11 16.24 -25.62
N LEU C 122 2.99 15.42 -24.57
CA LEU C 122 2.76 13.99 -24.80
C LEU C 122 1.33 13.68 -25.27
N LEU C 123 0.35 14.51 -24.91
CA LEU C 123 -1.01 14.28 -25.36
C LEU C 123 -1.52 15.37 -26.28
N ASN C 124 -0.62 16.20 -26.82
CA ASN C 124 -0.91 17.10 -27.94
C ASN C 124 -2.06 18.08 -27.65
N GLU C 125 -2.21 18.53 -26.41
CA GLU C 125 -3.20 19.57 -26.14
C GLU C 125 -2.69 20.90 -26.71
N SER C 126 -3.43 21.45 -27.68
CA SER C 126 -3.09 22.68 -28.37
C SER C 126 -3.35 23.90 -27.49
N ASP C 127 -2.73 25.03 -27.87
CA ASP C 127 -2.91 26.25 -27.10
C ASP C 127 -4.38 26.60 -26.95
N ASP C 128 -5.15 26.44 -28.02
CA ASP C 128 -6.55 26.83 -28.00
C ASP C 128 -7.44 25.76 -27.37
N PHE C 129 -7.04 24.48 -27.45
CA PHE C 129 -7.74 23.43 -26.71
C PHE C 129 -7.64 23.65 -25.20
N VAL C 130 -6.44 23.96 -24.72
CA VAL C 130 -6.25 24.26 -23.31
C VAL C 130 -7.09 25.47 -22.90
N GLY C 131 -7.09 26.51 -23.74
CA GLY C 131 -7.92 27.68 -23.43
C GLY C 131 -9.39 27.32 -23.32
N ASP C 132 -9.89 26.47 -24.21
CA ASP C 132 -11.29 26.07 -24.16
C ASP C 132 -11.57 25.29 -22.88
N LYS C 133 -10.61 24.46 -22.46
CA LYS C 133 -10.77 23.71 -21.21
C LYS C 133 -10.83 24.64 -20.02
N VAL C 134 -9.93 25.62 -19.98
CA VAL C 134 -9.93 26.58 -18.88
C VAL C 134 -11.24 27.32 -18.83
N ALA C 135 -11.71 27.78 -19.99
CA ALA C 135 -12.97 28.51 -20.05
C ALA C 135 -14.11 27.69 -19.47
N TYR C 136 -14.21 26.42 -19.86
CA TYR C 136 -15.31 25.58 -19.41
C TYR C 136 -15.17 25.26 -17.92
N ALA C 137 -13.96 25.00 -17.46
CA ALA C 137 -13.78 24.73 -16.05
C ALA C 137 -14.21 25.94 -15.23
N LEU C 138 -13.87 27.14 -15.70
CA LEU C 138 -14.22 28.35 -14.96
C LEU C 138 -15.73 28.57 -14.93
N ILE C 139 -16.42 28.35 -16.06
CA ILE C 139 -17.86 28.59 -16.05
C ILE C 139 -18.61 27.55 -15.25
N GLN C 140 -18.01 26.38 -15.02
CA GLN C 140 -18.60 25.40 -14.14
C GLN C 140 -18.30 25.65 -12.66
N GLY C 141 -17.46 26.64 -12.35
CA GLY C 141 -17.22 27.02 -10.97
C GLY C 141 -15.91 26.57 -10.40
N LEU C 142 -15.06 25.90 -11.19
CA LEU C 142 -13.73 25.53 -10.74
C LEU C 142 -12.79 26.72 -10.75
N LYS C 143 -11.77 26.65 -9.89
CA LYS C 143 -10.63 27.55 -9.97
C LYS C 143 -9.50 26.80 -10.67
N VAL C 144 -8.67 27.52 -11.43
CA VAL C 144 -7.79 26.89 -12.41
C VAL C 144 -6.35 27.35 -12.21
N ILE C 145 -5.44 26.38 -12.08
CA ILE C 145 -4.00 26.61 -12.28
C ILE C 145 -3.73 26.35 -13.75
N ALA C 146 -3.47 27.41 -14.53
CA ALA C 146 -3.29 27.29 -15.97
C ALA C 146 -1.81 27.38 -16.30
N CYS C 147 -1.29 26.34 -16.94
CA CYS C 147 0.15 26.17 -17.12
C CYS C 147 0.61 26.68 -18.47
N VAL C 148 1.72 27.42 -18.47
CA VAL C 148 2.37 27.92 -19.69
C VAL C 148 3.87 27.67 -19.56
N GLY C 149 4.57 27.84 -20.66
CA GLY C 149 6.02 27.66 -20.63
C GLY C 149 6.62 27.19 -21.95
N GLU C 150 7.85 27.63 -22.20
CA GLU C 150 8.57 27.43 -23.45
C GLU C 150 9.47 26.20 -23.35
N THR C 151 9.75 25.59 -24.51
CA THR C 151 10.69 24.49 -24.58
C THR C 151 12.12 25.00 -24.53
N LEU C 152 13.07 24.06 -24.44
CA LEU C 152 14.49 24.41 -24.47
C LEU C 152 14.86 25.09 -25.78
N GLU C 153 14.46 24.48 -26.90
CA GLU C 153 14.78 25.05 -28.20
C GLU C 153 14.11 26.40 -28.40
N GLN C 154 12.95 26.62 -27.78
CA GLN C 154 12.32 27.95 -27.89
C GLN C 154 13.09 28.98 -27.07
N ARG C 155 13.52 28.62 -25.87
CA ARG C 155 14.35 29.56 -25.11
C ARG C 155 15.67 29.83 -25.84
N GLU C 156 16.31 28.79 -26.35
CA GLU C 156 17.63 29.00 -26.95
C GLU C 156 17.55 29.82 -28.23
N SER C 157 16.39 29.90 -28.86
CA SER C 157 16.20 30.75 -30.04
C SER C 157 15.77 32.17 -29.69
N GLY C 158 15.57 32.48 -28.41
CA GLY C 158 15.14 33.81 -28.01
C GLY C 158 13.65 34.07 -28.10
N ALA C 159 12.82 33.03 -27.97
CA ALA C 159 11.39 33.15 -28.21
C ALA C 159 10.56 32.92 -26.95
N THR C 160 11.18 33.01 -25.77
CA THR C 160 10.47 32.68 -24.53
C THR C 160 9.20 33.49 -24.35
N MET C 161 9.30 34.82 -24.41
CA MET C 161 8.10 35.64 -24.14
C MET C 161 7.09 35.58 -25.29
N LYS C 162 7.52 35.42 -26.53
CA LYS C 162 6.54 35.27 -27.60
C LYS C 162 5.73 33.99 -27.41
N VAL C 163 6.40 32.91 -26.98
CA VAL C 163 5.70 31.64 -26.73
C VAL C 163 4.79 31.73 -25.52
N VAL C 164 5.30 32.24 -24.40
CA VAL C 164 4.49 32.29 -23.19
C VAL C 164 3.28 33.20 -23.39
N ALA C 165 3.48 34.36 -24.03
CA ALA C 165 2.35 35.24 -24.29
C ALA C 165 1.34 34.57 -25.21
N ALA C 166 1.80 33.80 -26.18
CA ALA C 166 0.88 33.16 -27.12
C ALA C 166 0.01 32.15 -26.40
N GLN C 167 0.64 31.34 -25.54
CA GLN C 167 -0.11 30.41 -24.70
C GLN C 167 -1.06 31.15 -23.77
N THR C 168 -0.59 32.22 -23.14
CA THR C 168 -1.43 32.98 -22.21
C THR C 168 -2.61 33.63 -22.94
N GLU C 169 -2.34 34.24 -24.11
CA GLU C 169 -3.43 34.83 -24.88
C GLU C 169 -4.51 33.80 -25.20
N ALA C 170 -4.11 32.59 -25.59
CA ALA C 170 -5.07 31.57 -26.02
C ALA C 170 -5.94 31.08 -24.87
N ILE C 171 -5.54 31.36 -23.64
CA ILE C 171 -6.36 31.06 -22.47
C ILE C 171 -7.24 32.26 -22.12
N PHE C 172 -6.61 33.42 -21.98
CA PHE C 172 -7.33 34.61 -21.52
C PHE C 172 -8.30 35.14 -22.56
N ASP C 173 -8.08 34.86 -23.86
CA ASP C 173 -9.01 35.36 -24.87
C ASP C 173 -10.30 34.54 -24.94
N LYS C 174 -10.42 33.45 -24.18
CA LYS C 174 -11.63 32.65 -24.21
C LYS C 174 -12.59 32.96 -23.08
N VAL C 175 -12.23 33.88 -22.17
CA VAL C 175 -13.07 34.11 -20.99
C VAL C 175 -13.23 35.59 -20.73
N SER C 176 -14.28 35.90 -19.99
CA SER C 176 -14.68 37.27 -19.73
C SER C 176 -14.46 37.67 -18.28
N ASN C 177 -13.99 36.74 -17.45
CA ASN C 177 -13.80 36.95 -16.02
C ASN C 177 -12.61 36.10 -15.60
N TRP C 178 -11.55 36.76 -15.17
CA TRP C 178 -10.26 36.12 -14.99
C TRP C 178 -9.87 35.96 -13.53
N SER C 179 -10.81 36.15 -12.61
CA SER C 179 -10.47 36.24 -11.20
C SER C 179 -9.88 34.93 -10.68
N ASN C 180 -10.41 33.80 -11.13
CA ASN C 180 -10.07 32.51 -10.56
C ASN C 180 -9.04 31.75 -11.39
N ILE C 181 -8.17 32.45 -12.11
CA ILE C 181 -7.04 31.85 -12.82
C ILE C 181 -5.77 32.14 -12.03
N VAL C 182 -4.99 31.10 -11.75
CA VAL C 182 -3.60 31.24 -11.32
C VAL C 182 -2.73 30.77 -12.48
N LEU C 183 -1.81 31.62 -12.92
CA LEU C 183 -0.94 31.30 -14.05
C LEU C 183 0.33 30.65 -13.54
N ALA C 184 0.66 29.50 -14.09
CA ALA C 184 1.86 28.80 -13.65
C ALA C 184 2.84 28.79 -14.82
N TYR C 185 3.97 29.47 -14.65
CA TYR C 185 5.04 29.42 -15.63
C TYR C 185 6.01 28.29 -15.25
N GLU C 186 6.03 27.23 -16.06
CA GLU C 186 7.02 26.17 -15.88
C GLU C 186 7.75 25.98 -17.20
N PRO C 187 8.96 26.51 -17.32
CA PRO C 187 9.79 26.18 -18.49
C PRO C 187 9.93 24.67 -18.62
N VAL C 188 9.73 24.17 -19.85
CA VAL C 188 9.71 22.72 -20.06
C VAL C 188 11.07 22.12 -19.71
N TRP C 189 12.14 22.85 -20.01
CA TRP C 189 13.50 22.38 -19.74
C TRP C 189 13.80 22.29 -18.25
N ALA C 190 12.92 22.80 -17.40
CA ALA C 190 13.10 22.68 -15.97
C ALA C 190 12.19 21.63 -15.33
N ILE C 191 11.34 20.95 -16.12
CA ILE C 191 10.43 19.96 -15.57
C ILE C 191 11.16 18.61 -15.46
N GLY C 192 11.37 18.15 -14.23
CA GLY C 192 11.96 16.85 -13.99
C GLY C 192 13.46 16.76 -14.20
N THR C 193 14.10 17.82 -14.71
CA THR C 193 15.47 17.73 -15.19
C THR C 193 16.52 18.03 -14.12
N GLY C 194 16.13 18.60 -12.99
CA GLY C 194 17.09 19.11 -12.04
C GLY C 194 17.64 20.49 -12.34
N LYS C 195 17.25 21.06 -13.47
CA LYS C 195 17.70 22.39 -13.89
C LYS C 195 16.59 23.39 -13.57
N VAL C 196 16.81 24.23 -12.60
CA VAL C 196 15.81 25.21 -12.18
C VAL C 196 16.14 26.53 -12.87
N ALA C 197 15.11 27.33 -13.14
CA ALA C 197 15.35 28.71 -13.57
C ALA C 197 16.01 29.48 -12.44
N THR C 198 16.85 30.44 -12.81
CA THR C 198 17.44 31.28 -11.78
C THR C 198 16.39 32.28 -11.31
N PRO C 199 16.55 32.87 -10.13
CA PRO C 199 15.64 33.96 -9.74
C PRO C 199 15.55 35.05 -10.80
N ALA C 200 16.69 35.44 -11.38
CA ALA C 200 16.67 36.45 -12.45
C ALA C 200 15.78 36.02 -13.61
N GLN C 201 15.95 34.78 -14.07
CA GLN C 201 15.18 34.25 -15.21
C GLN C 201 13.69 34.24 -14.91
N ALA C 202 13.32 33.75 -13.72
CA ALA C 202 11.89 33.67 -13.41
C ALA C 202 11.29 35.06 -13.29
N GLN C 203 11.97 35.94 -12.56
CA GLN C 203 11.52 37.31 -12.43
C GLN C 203 11.36 37.98 -13.80
N GLU C 204 12.27 37.69 -14.73
CA GLU C 204 12.15 38.25 -16.08
C GLU C 204 10.87 37.79 -16.76
N VAL C 205 10.60 36.48 -16.74
CA VAL C 205 9.39 36.03 -17.42
C VAL C 205 8.14 36.51 -16.69
N HIS C 206 8.12 36.40 -15.36
CA HIS C 206 6.89 36.76 -14.64
C HIS C 206 6.58 38.25 -14.77
N SER C 207 7.61 39.11 -14.76
CA SER C 207 7.33 40.54 -14.87
C SER C 207 6.89 40.92 -16.30
N GLU C 208 7.52 40.34 -17.32
CA GLU C 208 7.08 40.60 -18.68
C GLU C 208 5.71 40.01 -18.95
N LEU C 209 5.42 38.83 -18.36
CA LEU C 209 4.08 38.27 -18.53
C LEU C 209 3.03 39.13 -17.83
N ARG C 210 3.32 39.62 -16.63
CA ARG C 210 2.41 40.52 -15.96
C ARG C 210 2.20 41.80 -16.78
N LYS C 211 3.26 42.29 -17.42
CA LYS C 211 3.12 43.44 -18.31
C LYS C 211 2.24 43.12 -19.50
N TRP C 212 2.38 41.92 -20.08
CA TRP C 212 1.47 41.50 -21.15
C TRP C 212 0.02 41.57 -20.68
N LEU C 213 -0.27 41.00 -19.51
CA LEU C 213 -1.62 41.06 -18.95
C LEU C 213 -2.06 42.51 -18.77
N HIS C 214 -1.17 43.35 -18.26
CA HIS C 214 -1.47 44.76 -18.06
C HIS C 214 -1.91 45.44 -19.35
N ASP C 215 -1.18 45.17 -20.45
CA ASP C 215 -1.38 45.86 -21.73
C ASP C 215 -2.48 45.24 -22.57
N ASN C 216 -2.81 43.96 -22.35
CA ASN C 216 -3.72 43.22 -23.20
C ASN C 216 -5.01 42.79 -22.53
N VAL C 217 -5.04 42.75 -21.20
CA VAL C 217 -6.26 42.42 -20.47
C VAL C 217 -6.70 43.59 -19.58
N GLY C 218 -5.79 44.13 -18.78
CA GLY C 218 -6.14 45.23 -17.90
C GLY C 218 -5.19 45.34 -16.72
N PRO C 219 -5.07 46.56 -16.17
CA PRO C 219 -4.17 46.73 -15.01
C PRO C 219 -4.65 46.02 -13.76
N GLU C 220 -5.96 46.01 -13.50
CA GLU C 220 -6.46 45.33 -12.31
C GLU C 220 -6.22 43.83 -12.41
N VAL C 221 -6.46 43.25 -13.59
CA VAL C 221 -6.15 41.83 -13.80
C VAL C 221 -4.66 41.57 -13.61
N ALA C 222 -3.81 42.43 -14.14
CA ALA C 222 -2.37 42.21 -14.03
C ALA C 222 -1.91 42.31 -12.58
N ALA C 223 -2.48 43.25 -11.82
CA ALA C 223 -2.05 43.44 -10.44
C ALA C 223 -2.53 42.32 -9.52
N SER C 224 -3.61 41.62 -9.85
CA SER C 224 -4.16 40.61 -8.96
C SER C 224 -3.88 39.17 -9.36
N THR C 225 -3.52 38.89 -10.61
CA THR C 225 -3.29 37.51 -11.04
C THR C 225 -1.99 36.98 -10.47
N ARG C 226 -2.09 35.88 -9.72
CA ARG C 226 -0.87 35.23 -9.25
C ARG C 226 -0.18 34.56 -10.42
N ILE C 227 1.14 34.72 -10.49
CA ILE C 227 1.98 34.02 -11.44
C ILE C 227 2.98 33.24 -10.60
N ILE C 228 2.89 31.92 -10.65
CA ILE C 228 3.71 31.03 -9.84
C ILE C 228 4.71 30.32 -10.75
N TYR C 229 5.88 30.03 -10.20
CA TYR C 229 6.96 29.39 -10.93
C TYR C 229 6.94 27.89 -10.66
N GLY C 230 7.17 27.08 -11.69
CA GLY C 230 7.33 25.65 -11.50
C GLY C 230 8.48 25.10 -12.32
N GLY C 231 8.98 23.95 -11.90
CA GLY C 231 10.07 23.28 -12.61
C GLY C 231 11.32 23.18 -11.76
N SER C 232 11.49 22.03 -11.08
CA SER C 232 12.64 21.74 -10.24
C SER C 232 12.71 22.67 -9.03
N VAL C 233 11.55 23.16 -8.57
CA VAL C 233 11.51 23.82 -7.27
C VAL C 233 11.89 22.82 -6.18
N SER C 234 12.72 23.28 -5.24
CA SER C 234 13.14 22.46 -4.12
C SER C 234 13.12 23.31 -2.85
N GLY C 235 13.22 22.64 -1.70
CA GLY C 235 13.39 23.38 -0.46
C GLY C 235 14.64 24.24 -0.46
N ALA C 236 15.70 23.81 -1.12
CA ALA C 236 16.95 24.54 -1.07
C ALA C 236 17.00 25.72 -2.02
N ASN C 237 16.17 25.77 -3.07
CA ASN C 237 16.23 26.90 -3.99
C ASN C 237 14.98 27.77 -3.95
N CYS C 238 13.98 27.43 -3.16
CA CYS C 238 12.72 28.16 -3.25
C CYS C 238 12.78 29.54 -2.59
N LYS C 239 13.53 29.70 -1.50
CA LYS C 239 13.56 31.00 -0.82
C LYS C 239 14.03 32.12 -1.74
N GLU C 240 15.11 31.87 -2.50
CA GLU C 240 15.66 32.90 -3.39
C GLU C 240 14.73 33.20 -4.56
N LEU C 241 13.97 32.21 -5.02
CA LEU C 241 12.97 32.45 -6.05
C LEU C 241 11.79 33.24 -5.48
N ALA C 242 11.37 32.89 -4.26
CA ALA C 242 10.21 33.55 -3.68
C ALA C 242 10.46 35.02 -3.41
N THR C 243 11.72 35.44 -3.24
CA THR C 243 11.97 36.87 -2.99
C THR C 243 11.65 37.75 -4.18
N LYS C 244 11.55 37.18 -5.38
CA LYS C 244 11.37 38.01 -6.57
C LYS C 244 9.96 38.61 -6.59
N PRO C 245 9.84 39.89 -6.92
CA PRO C 245 8.56 40.59 -6.68
C PRO C 245 7.42 40.11 -7.55
N ASP C 246 7.70 39.53 -8.71
CA ASP C 246 6.63 39.05 -9.57
C ASP C 246 6.46 37.53 -9.50
N VAL C 247 7.22 36.85 -8.65
CA VAL C 247 7.06 35.43 -8.38
C VAL C 247 6.13 35.28 -7.18
N ASP C 248 4.90 34.83 -7.42
CA ASP C 248 3.82 34.79 -6.43
C ASP C 248 3.68 33.42 -5.76
N GLY C 249 4.59 32.52 -5.99
CA GLY C 249 4.47 31.20 -5.39
C GLY C 249 5.02 30.15 -6.34
N PHE C 250 4.66 28.89 -6.10
CA PHE C 250 5.24 27.77 -6.83
C PHE C 250 4.21 26.72 -7.18
N LEU C 251 4.43 26.05 -8.30
CA LEU C 251 3.81 24.77 -8.61
C LEU C 251 4.89 23.71 -8.50
N VAL C 252 4.69 22.75 -7.60
CA VAL C 252 5.75 21.82 -7.21
C VAL C 252 5.45 20.45 -7.79
N GLY C 253 6.45 19.87 -8.45
CA GLY C 253 6.28 18.54 -9.01
C GLY C 253 6.73 17.45 -8.07
N GLY C 254 7.90 16.86 -8.33
CA GLY C 254 8.34 15.72 -7.54
C GLY C 254 8.40 15.99 -6.05
N ALA C 255 8.87 17.17 -5.67
CA ALA C 255 8.98 17.49 -4.24
C ALA C 255 7.62 17.55 -3.55
N SER C 256 6.51 17.63 -4.30
CA SER C 256 5.20 17.68 -3.64
C SER C 256 4.82 16.36 -2.99
N LEU C 257 5.51 15.28 -3.31
CA LEU C 257 5.27 13.97 -2.70
C LEU C 257 6.07 13.75 -1.42
N LYS C 258 6.91 14.70 -1.06
CA LYS C 258 7.86 14.54 0.02
C LYS C 258 7.61 15.56 1.13
N PRO C 259 8.18 15.33 2.32
CA PRO C 259 8.13 16.37 3.38
C PRO C 259 8.69 17.71 2.94
N GLU C 260 9.64 17.71 2.00
CA GLU C 260 10.20 18.96 1.47
C GLU C 260 9.11 19.93 1.00
N PHE C 261 7.92 19.41 0.64
CA PHE C 261 6.84 20.30 0.18
C PHE C 261 6.48 21.32 1.24
N ILE C 262 6.55 20.93 2.52
CA ILE C 262 6.27 21.85 3.62
C ILE C 262 7.26 23.01 3.63
N GLU C 263 8.55 22.73 3.37
CA GLU C 263 9.54 23.80 3.34
C GLU C 263 9.24 24.81 2.23
N ILE C 264 8.72 24.33 1.09
CA ILE C 264 8.39 25.25 0.00
C ILE C 264 7.17 26.10 0.37
N ILE C 265 6.18 25.50 1.06
CA ILE C 265 5.05 26.28 1.54
C ILE C 265 5.51 27.40 2.46
N LYS C 266 6.45 27.08 3.36
CA LYS C 266 6.93 28.04 4.32
C LYS C 266 7.72 29.19 3.67
N SER C 267 8.07 29.09 2.39
CA SER C 267 8.74 30.22 1.77
C SER C 267 7.81 31.41 1.59
N ALA C 268 6.50 31.22 1.85
CA ALA C 268 5.54 32.32 1.73
C ALA C 268 5.91 33.50 2.61
N THR C 269 6.54 33.24 3.74
CA THR C 269 6.90 34.28 4.69
C THR C 269 8.33 34.06 5.16
N ARG D 23 -2.07 1.65 46.81
CA ARG D 23 -1.68 0.96 45.60
C ARG D 23 -1.66 -0.56 45.80
N LYS D 24 -2.31 -1.29 44.88
CA LYS D 24 -2.37 -2.74 44.97
C LYS D 24 -1.06 -3.38 44.52
N PHE D 25 -0.51 -4.26 45.36
CA PHE D 25 0.75 -4.92 45.05
C PHE D 25 0.65 -5.69 43.74
N PHE D 26 1.69 -5.58 42.91
CA PHE D 26 1.66 -6.10 41.55
C PHE D 26 2.90 -6.94 41.31
N VAL D 27 2.72 -8.17 40.83
CA VAL D 27 3.83 -9.07 40.58
C VAL D 27 3.66 -9.64 39.18
N GLY D 28 4.56 -9.29 38.27
CA GLY D 28 4.53 -9.80 36.91
C GLY D 28 5.72 -10.76 36.68
N GLY D 29 5.46 -11.82 35.96
CA GLY D 29 6.50 -12.80 35.69
C GLY D 29 6.84 -12.84 34.22
N ASN D 30 8.05 -12.43 33.85
CA ASN D 30 8.47 -12.32 32.46
C ASN D 30 9.26 -13.57 32.08
N TRP D 31 8.63 -14.47 31.33
CA TRP D 31 9.32 -15.72 31.00
C TRP D 31 10.45 -15.48 30.00
N LYS D 32 10.44 -14.34 29.33
CA LYS D 32 11.37 -14.00 28.24
C LYS D 32 11.35 -15.08 27.18
N CYS D 33 12.46 -15.26 26.47
CA CYS D 33 12.52 -16.20 25.35
C CYS D 33 12.91 -17.59 25.86
N ASN D 34 11.96 -18.19 26.60
CA ASN D 34 12.14 -19.48 27.23
C ASN D 34 10.86 -20.29 27.17
N GLY D 35 11.03 -21.60 27.07
CA GLY D 35 9.88 -22.48 27.19
C GLY D 35 9.71 -23.47 26.05
N THR D 36 9.30 -24.66 26.42
CA THR D 36 8.78 -25.70 25.53
C THR D 36 7.37 -26.00 25.99
N ALA D 37 6.62 -26.75 25.18
CA ALA D 37 5.29 -27.16 25.62
C ALA D 37 5.36 -27.90 26.96
N GLU D 38 6.31 -28.83 27.08
CA GLU D 38 6.44 -29.60 28.31
C GLU D 38 6.71 -28.68 29.51
N GLU D 39 7.74 -27.83 29.40
CA GLU D 39 8.10 -26.95 30.52
C GLU D 39 6.98 -25.96 30.83
N VAL D 40 6.25 -25.49 29.82
CA VAL D 40 5.11 -24.61 30.08
C VAL D 40 4.05 -25.35 30.89
N LYS D 41 3.80 -26.61 30.57
CA LYS D 41 2.79 -27.38 31.30
C LYS D 41 3.14 -27.49 32.78
N LYS D 42 4.42 -27.71 33.09
CA LYS D 42 4.82 -27.88 34.50
C LYS D 42 4.77 -26.57 35.26
N ILE D 43 5.12 -25.45 34.60
CA ILE D 43 4.99 -24.14 35.24
C ILE D 43 3.52 -23.87 35.56
N VAL D 44 2.63 -24.13 34.60
CA VAL D 44 1.23 -23.75 34.79
C VAL D 44 0.59 -24.62 35.86
N THR D 45 0.91 -25.92 35.87
CA THR D 45 0.40 -26.80 36.92
C THR D 45 0.91 -26.38 38.29
N THR D 46 2.16 -25.92 38.36
CA THR D 46 2.70 -25.45 39.63
C THR D 46 2.02 -24.16 40.07
N LEU D 47 1.77 -23.24 39.14
CA LEU D 47 1.03 -22.03 39.49
C LEU D 47 -0.38 -22.36 39.93
N ASN D 48 -1.00 -23.38 39.31
CA ASN D 48 -2.40 -23.68 39.57
C ASN D 48 -2.63 -24.28 40.94
N GLU D 49 -1.61 -24.88 41.52
CA GLU D 49 -1.70 -25.58 42.78
C GLU D 49 -1.20 -24.76 43.96
N ALA D 50 -0.76 -23.52 43.71
CA ALA D 50 -0.24 -22.68 44.77
C ALA D 50 -1.38 -21.94 45.47
N GLU D 51 -1.11 -21.55 46.72
CA GLU D 51 -2.02 -20.73 47.51
C GLU D 51 -1.36 -19.38 47.77
N VAL D 52 -1.97 -18.32 47.25
CA VAL D 52 -1.41 -16.97 47.28
C VAL D 52 -2.47 -16.02 47.83
N PRO D 53 -2.13 -14.78 48.14
CA PRO D 53 -3.17 -13.82 48.54
C PRO D 53 -4.23 -13.63 47.47
N SER D 54 -5.36 -13.10 47.89
CA SER D 54 -6.50 -12.91 47.00
C SER D 54 -6.28 -11.77 46.00
N GLU D 55 -7.10 -11.79 44.94
CA GLU D 55 -7.04 -10.77 43.89
C GLU D 55 -7.23 -9.36 44.44
N ASP D 56 -7.74 -9.23 45.66
CA ASP D 56 -7.80 -7.94 46.30
C ASP D 56 -6.50 -7.57 47.01
N ASP D 57 -5.61 -8.54 47.26
CA ASP D 57 -4.35 -8.26 47.94
C ASP D 57 -3.12 -8.31 47.03
N VAL D 58 -3.19 -8.95 45.88
CA VAL D 58 -2.07 -8.94 44.94
C VAL D 58 -2.61 -9.19 43.55
N GLU D 59 -2.00 -8.52 42.56
CA GLU D 59 -2.35 -8.64 41.16
C GLU D 59 -1.21 -9.35 40.45
N VAL D 60 -1.48 -10.54 39.91
CA VAL D 60 -0.46 -11.43 39.36
C VAL D 60 -0.62 -11.54 37.86
N VAL D 61 0.47 -11.29 37.13
CA VAL D 61 0.50 -11.42 35.67
C VAL D 61 1.67 -12.32 35.27
N VAL D 62 1.44 -13.25 34.35
CA VAL D 62 2.52 -14.09 33.84
C VAL D 62 2.61 -13.84 32.34
N SER D 63 3.84 -13.93 31.80
CA SER D 63 4.10 -13.47 30.42
C SER D 63 4.88 -14.48 29.59
N PRO D 64 4.20 -15.35 28.88
CA PRO D 64 4.89 -16.34 28.05
C PRO D 64 5.23 -15.78 26.67
N PRO D 65 6.09 -16.48 25.93
CA PRO D 65 6.32 -16.11 24.54
C PRO D 65 5.04 -16.19 23.72
N PHE D 66 5.01 -15.40 22.65
CA PHE D 66 3.84 -15.32 21.77
C PHE D 66 3.23 -16.67 21.46
N VAL D 67 4.10 -17.63 21.15
CA VAL D 67 3.62 -18.89 20.60
C VAL D 67 2.92 -19.73 21.64
N PHE D 68 3.07 -19.41 22.93
CA PHE D 68 2.42 -20.14 24.01
C PHE D 68 1.28 -19.36 24.69
N LEU D 69 0.92 -18.19 24.18
CA LEU D 69 -0.06 -17.34 24.88
C LEU D 69 -1.41 -18.02 24.97
N THR D 70 -1.89 -18.57 23.85
CA THR D 70 -3.18 -19.27 23.91
C THR D 70 -3.11 -20.52 24.76
N LEU D 71 -1.97 -21.23 24.75
CA LEU D 71 -1.84 -22.41 25.59
C LEU D 71 -1.96 -22.06 27.06
N VAL D 72 -1.19 -21.07 27.51
CA VAL D 72 -1.26 -20.69 28.92
C VAL D 72 -2.63 -20.13 29.24
N LYS D 73 -3.21 -19.34 28.33
CA LYS D 73 -4.51 -18.75 28.57
C LYS D 73 -5.56 -19.81 28.89
N THR D 74 -5.56 -20.93 28.15
CA THR D 74 -6.60 -21.94 28.39
C THR D 74 -6.27 -22.90 29.53
N LEU D 75 -5.06 -22.87 30.07
CA LEU D 75 -4.69 -23.76 31.17
C LEU D 75 -4.53 -23.07 32.51
N LEU D 76 -4.15 -21.80 32.54
CA LEU D 76 -3.82 -21.14 33.78
C LEU D 76 -5.07 -20.69 34.55
N ARG D 77 -4.97 -20.75 35.87
CA ARG D 77 -6.02 -20.26 36.77
C ARG D 77 -6.45 -18.85 36.39
N PRO D 78 -7.75 -18.56 36.38
CA PRO D 78 -8.22 -17.27 35.86
C PRO D 78 -8.00 -16.10 36.80
N ASP D 79 -7.61 -16.35 38.05
CA ASP D 79 -7.27 -15.23 38.93
C ASP D 79 -5.85 -14.72 38.70
N PHE D 80 -5.08 -15.32 37.78
CA PHE D 80 -3.85 -14.75 37.24
C PHE D 80 -4.13 -14.28 35.83
N SER D 81 -3.52 -13.15 35.43
CA SER D 81 -3.71 -12.65 34.08
C SER D 81 -2.46 -12.87 33.24
N ILE D 82 -2.64 -12.76 31.93
CA ILE D 82 -1.58 -13.06 30.97
C ILE D 82 -1.14 -11.78 30.28
N ALA D 83 0.17 -11.66 30.07
CA ALA D 83 0.74 -10.56 29.31
C ALA D 83 1.50 -11.08 28.10
N ALA D 84 1.41 -10.36 26.99
CA ALA D 84 2.37 -10.56 25.92
C ALA D 84 3.66 -9.82 26.25
N GLN D 85 4.76 -10.24 25.64
CA GLN D 85 6.07 -9.66 25.91
C GLN D 85 6.40 -8.45 25.05
N ASN D 86 5.50 -8.09 24.12
CA ASN D 86 5.74 -7.08 23.11
C ASN D 86 4.48 -7.01 22.28
N CYS D 87 4.35 -5.92 21.53
CA CYS D 87 3.38 -5.83 20.45
C CYS D 87 3.87 -4.74 19.50
N TRP D 88 3.19 -4.60 18.37
CA TRP D 88 3.60 -3.65 17.35
C TRP D 88 3.23 -2.22 17.75
N VAL D 89 3.85 -1.26 17.06
CA VAL D 89 3.67 0.16 17.38
C VAL D 89 2.36 0.74 16.88
N ARG D 90 1.64 0.03 16.01
CA ARG D 90 0.39 0.56 15.46
C ARG D 90 -0.47 -0.59 14.96
N LYS D 91 -1.56 -0.26 14.27
CA LYS D 91 -2.46 -1.31 13.81
C LYS D 91 -1.73 -2.32 12.94
N GLY D 92 -2.30 -3.51 12.85
CA GLY D 92 -1.76 -4.59 12.04
C GLY D 92 -1.74 -4.26 10.57
N GLY D 93 -1.23 -5.18 9.77
CA GLY D 93 -1.02 -4.93 8.37
C GLY D 93 0.26 -5.57 7.87
N ALA D 94 0.99 -4.85 7.01
CA ALA D 94 2.15 -5.41 6.32
C ALA D 94 3.41 -5.23 7.17
N PHE D 95 3.47 -6.02 8.26
CA PHE D 95 4.58 -5.97 9.20
C PHE D 95 4.97 -7.40 9.53
N THR D 96 5.63 -8.05 8.59
CA THR D 96 6.02 -9.45 8.76
C THR D 96 6.74 -9.68 10.09
N GLY D 97 6.30 -10.71 10.80
CA GLY D 97 6.91 -11.08 12.05
C GLY D 97 6.35 -10.41 13.29
N GLU D 98 5.53 -9.36 13.14
CA GLU D 98 5.04 -8.58 14.27
C GLU D 98 3.64 -9.02 14.68
N VAL D 99 3.26 -8.64 15.91
CA VAL D 99 1.98 -9.01 16.51
C VAL D 99 1.30 -7.75 17.04
N SER D 100 0.07 -7.50 16.60
CA SER D 100 -0.64 -6.26 16.87
C SER D 100 -1.43 -6.31 18.18
N ALA D 101 -1.68 -5.13 18.76
CA ALA D 101 -2.45 -5.11 20.00
C ALA D 101 -3.83 -5.71 19.79
N GLU D 102 -4.46 -5.44 18.65
CA GLU D 102 -5.80 -6.00 18.42
C GLU D 102 -5.77 -7.51 18.31
N MET D 103 -4.68 -8.09 17.79
CA MET D 103 -4.54 -9.54 17.84
C MET D 103 -4.56 -10.07 19.26
N LEU D 104 -3.79 -9.45 20.15
CA LEU D 104 -3.77 -9.91 21.53
C LEU D 104 -5.15 -9.78 22.15
N ILE D 105 -5.83 -8.66 21.90
CA ILE D 105 -7.18 -8.47 22.44
C ILE D 105 -8.15 -9.49 21.86
N ASN D 106 -8.09 -9.72 20.55
CA ASN D 106 -8.91 -10.77 19.96
C ASN D 106 -8.68 -12.12 20.66
N LEU D 107 -7.46 -12.41 21.08
CA LEU D 107 -7.17 -13.69 21.72
C LEU D 107 -7.36 -13.66 23.24
N GLY D 108 -7.94 -12.60 23.79
CA GLY D 108 -8.21 -12.55 25.22
C GLY D 108 -6.98 -12.36 26.10
N ILE D 109 -5.92 -11.77 25.55
CA ILE D 109 -4.72 -11.43 26.34
C ILE D 109 -4.88 -10.01 26.83
N PRO D 110 -4.91 -9.77 28.15
CA PRO D 110 -5.22 -8.42 28.66
C PRO D 110 -4.04 -7.49 28.87
N TRP D 111 -2.81 -8.01 28.95
CA TRP D 111 -1.64 -7.23 29.30
C TRP D 111 -0.55 -7.32 28.22
N VAL D 112 0.34 -6.33 28.22
CA VAL D 112 1.53 -6.40 27.38
C VAL D 112 2.69 -5.73 28.12
N ILE D 113 3.89 -6.32 28.01
CA ILE D 113 5.12 -5.67 28.44
C ILE D 113 5.70 -4.88 27.26
N LEU D 114 6.08 -3.63 27.50
CA LEU D 114 6.62 -2.77 26.46
C LEU D 114 7.87 -2.04 26.95
N GLY D 115 8.84 -1.87 26.06
CA GLY D 115 10.06 -1.16 26.44
C GLY D 115 11.01 -1.93 27.35
N HIS D 116 10.89 -3.26 27.41
CA HIS D 116 11.83 -4.02 28.21
C HIS D 116 13.26 -3.73 27.79
N SER D 117 14.17 -3.66 28.77
CA SER D 117 15.55 -3.29 28.50
C SER D 117 16.18 -4.11 27.38
N GLU D 118 15.80 -5.39 27.25
CA GLU D 118 16.41 -6.22 26.21
C GLU D 118 15.96 -5.78 24.80
N ARG D 119 14.75 -5.22 24.69
CA ARG D 119 14.30 -4.68 23.40
C ARG D 119 14.88 -3.30 23.14
N ARG D 120 15.02 -2.48 24.19
CA ARG D 120 15.68 -1.19 24.05
C ARG D 120 17.14 -1.37 23.66
N GLN D 121 17.81 -2.36 24.25
CA GLN D 121 19.24 -2.56 24.00
C GLN D 121 19.50 -3.40 22.75
N LEU D 122 18.95 -4.61 22.69
CA LEU D 122 19.31 -5.53 21.60
C LEU D 122 18.50 -5.29 20.33
N LEU D 123 17.26 -4.83 20.42
CA LEU D 123 16.47 -4.57 19.23
C LEU D 123 16.36 -3.07 18.93
N ASN D 124 17.07 -2.22 19.69
CA ASN D 124 17.22 -0.79 19.41
C ASN D 124 15.89 -0.04 19.37
N GLU D 125 14.97 -0.42 20.24
CA GLU D 125 13.72 0.33 20.39
C GLU D 125 14.02 1.68 21.03
N SER D 126 13.71 2.76 20.31
CA SER D 126 13.98 4.11 20.79
C SER D 126 13.00 4.48 21.90
N ASP D 127 13.33 5.54 22.65
CA ASP D 127 12.41 6.06 23.65
C ASP D 127 11.04 6.38 23.04
N ASP D 128 11.04 7.06 21.89
CA ASP D 128 9.76 7.46 21.30
C ASP D 128 9.02 6.28 20.70
N PHE D 129 9.75 5.31 20.12
CA PHE D 129 9.14 4.08 19.62
C PHE D 129 8.36 3.38 20.73
N VAL D 130 9.02 3.16 21.87
CA VAL D 130 8.33 2.60 23.03
C VAL D 130 7.13 3.46 23.40
N GLY D 131 7.32 4.78 23.44
CA GLY D 131 6.21 5.66 23.77
C GLY D 131 5.02 5.47 22.85
N ASP D 132 5.26 5.38 21.55
CA ASP D 132 4.16 5.18 20.60
C ASP D 132 3.49 3.83 20.80
N LYS D 133 4.28 2.81 21.12
CA LYS D 133 3.73 1.48 21.40
C LYS D 133 2.80 1.53 22.61
N VAL D 134 3.24 2.16 23.70
CA VAL D 134 2.43 2.22 24.91
C VAL D 134 1.11 2.92 24.64
N ALA D 135 1.17 4.09 23.99
CA ALA D 135 -0.06 4.81 23.66
C ALA D 135 -1.00 3.96 22.82
N TYR D 136 -0.47 3.22 21.84
CA TYR D 136 -1.36 2.49 20.94
C TYR D 136 -1.99 1.30 21.65
N ALA D 137 -1.22 0.56 22.45
CA ALA D 137 -1.81 -0.52 23.23
C ALA D 137 -2.86 0.03 24.18
N LEU D 138 -2.59 1.16 24.81
CA LEU D 138 -3.53 1.70 25.78
C LEU D 138 -4.84 2.11 25.11
N ILE D 139 -4.75 2.71 23.91
CA ILE D 139 -5.97 3.16 23.26
C ILE D 139 -6.81 1.97 22.81
N GLN D 140 -6.18 0.84 22.51
CA GLN D 140 -6.92 -0.34 22.09
C GLN D 140 -7.55 -1.09 23.26
N GLY D 141 -7.06 -0.90 24.48
CA GLY D 141 -7.63 -1.56 25.65
C GLY D 141 -6.71 -2.52 26.36
N LEU D 142 -5.47 -2.68 25.93
CA LEU D 142 -4.50 -3.44 26.71
C LEU D 142 -4.08 -2.66 27.95
N LYS D 143 -3.76 -3.38 29.00
CA LYS D 143 -3.05 -2.78 30.11
C LYS D 143 -1.55 -3.03 29.89
N VAL D 144 -0.71 -2.09 30.32
CA VAL D 144 0.69 -2.07 29.90
C VAL D 144 1.61 -2.02 31.11
N ILE D 145 2.58 -2.92 31.15
CA ILE D 145 3.75 -2.81 32.01
C ILE D 145 4.81 -2.09 31.19
N ALA D 146 5.04 -0.82 31.46
CA ALA D 146 5.97 0.00 30.68
C ALA D 146 7.29 0.01 31.44
N CYS D 147 8.37 -0.43 30.77
CA CYS D 147 9.67 -0.62 31.42
C CYS D 147 10.63 0.52 31.13
N VAL D 148 11.37 0.94 32.16
CA VAL D 148 12.43 1.94 32.03
C VAL D 148 13.63 1.44 32.84
N GLY D 149 14.79 2.05 32.60
CA GLY D 149 15.98 1.56 33.27
C GLY D 149 17.27 2.02 32.63
N GLU D 150 18.29 2.28 33.44
CA GLU D 150 19.53 2.86 32.94
C GLU D 150 20.65 1.83 32.95
N THR D 151 21.59 2.01 32.04
CA THR D 151 22.67 1.06 31.86
C THR D 151 23.77 1.31 32.88
N LEU D 152 24.77 0.42 32.90
CA LEU D 152 25.87 0.58 33.85
C LEU D 152 26.61 1.88 33.60
N GLU D 153 26.96 2.13 32.32
CA GLU D 153 27.69 3.34 31.99
C GLU D 153 26.89 4.58 32.32
N GLN D 154 25.57 4.54 32.09
CA GLN D 154 24.71 5.66 32.42
C GLN D 154 24.69 5.91 33.92
N ARG D 155 24.70 4.84 34.71
CA ARG D 155 24.70 5.02 36.17
C ARG D 155 26.07 5.48 36.65
N GLU D 156 27.14 4.90 36.12
CA GLU D 156 28.48 5.35 36.53
C GLU D 156 28.71 6.82 36.21
N SER D 157 28.07 7.34 35.16
CA SER D 157 28.21 8.74 34.80
C SER D 157 27.32 9.67 35.63
N GLY D 158 26.45 9.12 36.47
CA GLY D 158 25.52 9.93 37.24
C GLY D 158 24.27 10.34 36.50
N ALA D 159 23.90 9.62 35.45
CA ALA D 159 22.74 10.01 34.65
C ALA D 159 21.55 9.08 34.85
N THR D 160 21.51 8.33 35.96
CA THR D 160 20.38 7.45 36.26
C THR D 160 19.05 8.17 36.08
N MET D 161 18.86 9.28 36.81
CA MET D 161 17.54 9.90 36.81
C MET D 161 17.25 10.61 35.50
N LYS D 162 18.25 11.25 34.90
CA LYS D 162 18.03 11.95 33.64
C LYS D 162 17.58 10.96 32.55
N VAL D 163 18.22 9.80 32.48
CA VAL D 163 17.84 8.75 31.54
C VAL D 163 16.44 8.23 31.85
N VAL D 164 16.20 7.85 33.11
CA VAL D 164 14.90 7.27 33.46
C VAL D 164 13.79 8.30 33.27
N ALA D 165 14.07 9.57 33.58
CA ALA D 165 13.08 10.61 33.33
C ALA D 165 12.82 10.80 31.83
N ALA D 166 13.86 10.76 31.01
CA ALA D 166 13.65 10.91 29.56
C ALA D 166 12.86 9.74 29.00
N GLN D 167 13.04 8.53 29.55
CA GLN D 167 12.32 7.37 29.06
C GLN D 167 10.85 7.44 29.44
N THR D 168 10.57 7.81 30.69
CA THR D 168 9.19 7.97 31.16
C THR D 168 8.50 9.12 30.45
N GLU D 169 9.23 10.21 30.21
CA GLU D 169 8.66 11.35 29.51
C GLU D 169 8.20 10.99 28.11
N ALA D 170 8.95 10.13 27.41
CA ALA D 170 8.56 9.76 26.05
C ALA D 170 7.27 8.96 26.03
N ILE D 171 6.98 8.26 27.12
CA ILE D 171 5.72 7.53 27.25
C ILE D 171 4.60 8.49 27.65
N PHE D 172 4.90 9.44 28.53
CA PHE D 172 3.91 10.44 28.94
C PHE D 172 3.55 11.42 27.81
N ASP D 173 4.54 11.80 26.98
CA ASP D 173 4.32 12.73 25.88
C ASP D 173 3.18 12.28 24.96
N LYS D 174 2.74 11.04 25.12
CA LYS D 174 1.86 10.40 24.15
C LYS D 174 0.64 9.74 24.75
N VAL D 175 0.52 9.65 26.07
CA VAL D 175 -0.56 8.87 26.68
C VAL D 175 -1.76 9.72 27.14
N TRP D 178 -3.95 7.10 31.90
CA TRP D 178 -2.86 6.69 32.78
C TRP D 178 -3.28 5.56 33.72
N SER D 179 -4.59 5.26 33.74
CA SER D 179 -5.12 4.29 34.70
C SER D 179 -4.57 2.89 34.47
N ASN D 180 -4.28 2.53 33.22
CA ASN D 180 -3.98 1.16 32.85
C ASN D 180 -2.50 0.93 32.62
N ILE D 181 -1.62 1.72 33.26
CA ILE D 181 -0.16 1.57 33.14
C ILE D 181 0.41 1.16 34.50
N VAL D 182 1.33 0.19 34.46
CA VAL D 182 2.22 -0.12 35.57
C VAL D 182 3.64 0.21 35.08
N LEU D 183 4.37 0.98 35.88
CA LEU D 183 5.76 1.31 35.55
C LEU D 183 6.72 0.34 36.22
N ALA D 184 7.69 -0.13 35.46
CA ALA D 184 8.68 -1.09 35.95
C ALA D 184 10.06 -0.47 35.80
N TYR D 185 10.77 -0.30 36.92
CA TYR D 185 12.14 0.16 36.90
C TYR D 185 13.08 -1.05 36.85
N GLU D 186 13.90 -1.14 35.81
CA GLU D 186 14.88 -2.21 35.67
C GLU D 186 16.27 -1.66 35.95
N PRO D 187 16.96 -2.10 36.98
CA PRO D 187 18.34 -1.64 37.19
C PRO D 187 19.25 -2.44 36.25
N VAL D 188 19.20 -2.05 34.96
CA VAL D 188 19.96 -2.77 33.94
C VAL D 188 21.42 -2.79 34.32
N TRP D 189 21.87 -1.79 35.07
CA TRP D 189 23.25 -1.73 35.50
C TRP D 189 23.63 -2.87 36.43
N ALA D 190 22.66 -3.50 37.09
CA ALA D 190 22.91 -4.60 38.00
C ALA D 190 22.45 -5.92 37.38
N LYS D 195 26.52 -6.72 39.74
CA LYS D 195 26.67 -5.67 40.73
C LYS D 195 25.64 -5.81 41.83
N VAL D 196 25.99 -5.40 43.05
CA VAL D 196 25.03 -5.38 44.14
C VAL D 196 24.09 -4.20 43.95
N ALA D 197 22.79 -4.47 43.99
CA ALA D 197 21.74 -3.47 43.95
C ALA D 197 20.98 -3.57 45.26
N THR D 198 20.96 -2.48 46.03
CA THR D 198 20.40 -2.47 47.37
C THR D 198 18.94 -2.08 47.35
N PRO D 199 18.17 -2.45 48.38
CA PRO D 199 16.81 -1.87 48.52
C PRO D 199 16.81 -0.35 48.61
N ALA D 200 17.82 0.25 49.27
CA ALA D 200 17.83 1.71 49.35
C ALA D 200 18.00 2.33 47.99
N GLN D 201 18.81 1.72 47.12
CA GLN D 201 18.96 2.23 45.76
C GLN D 201 17.68 2.08 44.97
N ALA D 202 16.96 0.98 45.19
CA ALA D 202 15.64 0.82 44.56
C ALA D 202 14.68 1.91 45.00
N GLN D 203 14.65 2.18 46.31
CA GLN D 203 13.71 3.16 46.84
C GLN D 203 14.03 4.56 46.32
N GLU D 204 15.31 4.92 46.28
CA GLU D 204 15.71 6.20 45.71
C GLU D 204 15.16 6.38 44.31
N VAL D 205 15.30 5.37 43.45
CA VAL D 205 14.85 5.54 42.06
C VAL D 205 13.33 5.56 42.00
N HIS D 206 12.67 4.67 42.74
CA HIS D 206 11.21 4.61 42.72
C HIS D 206 10.58 5.88 43.25
N SER D 207 11.13 6.42 44.34
CA SER D 207 10.64 7.68 44.88
C SER D 207 10.93 8.85 43.94
N GLU D 208 12.07 8.83 43.25
CA GLU D 208 12.36 9.89 42.27
C GLU D 208 11.49 9.78 41.04
N LEU D 209 11.14 8.55 40.64
CA LEU D 209 10.24 8.39 39.49
C LEU D 209 8.83 8.85 39.85
N ARG D 210 8.37 8.53 41.06
CA ARG D 210 7.04 8.95 41.48
C ARG D 210 6.94 10.46 41.57
N LYS D 211 8.00 11.11 42.08
CA LYS D 211 8.04 12.57 42.11
C LYS D 211 7.97 13.15 40.70
N TRP D 212 8.62 12.48 39.73
CA TRP D 212 8.54 12.94 38.35
C TRP D 212 7.10 12.90 37.83
N LEU D 213 6.41 11.79 38.08
CA LEU D 213 4.99 11.71 37.73
C LEU D 213 4.21 12.84 38.39
N HIS D 214 4.44 13.04 39.69
CA HIS D 214 3.80 14.13 40.45
C HIS D 214 3.99 15.48 39.80
N ASP D 215 5.20 15.78 39.34
CA ASP D 215 5.50 17.12 38.84
C ASP D 215 5.14 17.29 37.37
N ASN D 216 5.05 16.21 36.60
CA ASN D 216 4.87 16.32 35.15
C ASN D 216 3.53 15.83 34.64
N VAL D 217 2.89 14.87 35.32
CA VAL D 217 1.60 14.37 34.92
C VAL D 217 0.50 14.80 35.88
N GLY D 218 0.75 14.70 37.19
CA GLY D 218 -0.22 15.07 38.19
C GLY D 218 -0.08 14.24 39.45
N PRO D 219 -0.41 14.84 40.60
CA PRO D 219 -0.27 14.08 41.86
C PRO D 219 -1.20 12.88 41.96
N GLU D 220 -2.34 12.88 41.28
CA GLU D 220 -3.21 11.71 41.32
C GLU D 220 -2.59 10.54 40.57
N VAL D 221 -1.99 10.80 39.41
CA VAL D 221 -1.26 9.75 38.69
C VAL D 221 -0.10 9.23 39.53
N ALA D 222 0.62 10.13 40.18
CA ALA D 222 1.74 9.71 41.02
C ALA D 222 1.27 8.84 42.18
N ALA D 223 0.16 9.22 42.82
CA ALA D 223 -0.25 8.50 44.02
C ALA D 223 -0.82 7.13 43.68
N SER D 224 -1.32 6.95 42.46
CA SER D 224 -2.03 5.74 42.11
C SER D 224 -1.24 4.79 41.22
N THR D 225 -0.24 5.25 40.48
CA THR D 225 0.50 4.40 39.56
C THR D 225 1.45 3.46 40.29
N ARG D 226 1.32 2.17 40.01
CA ARG D 226 2.22 1.17 40.58
C ARG D 226 3.58 1.29 39.88
N ILE D 227 4.65 1.35 40.68
CA ILE D 227 6.01 1.33 40.17
C ILE D 227 6.64 0.06 40.71
N ILE D 228 6.90 -0.91 39.85
CA ILE D 228 7.43 -2.18 40.28
C ILE D 228 8.92 -2.27 39.97
N TYR D 229 9.62 -3.13 40.70
CA TYR D 229 11.07 -3.25 40.65
C TYR D 229 11.44 -4.48 39.84
N GLY D 230 12.34 -4.31 38.87
CA GLY D 230 12.72 -5.41 38.01
C GLY D 230 14.16 -5.90 38.10
N GLY D 231 14.78 -5.77 39.27
CA GLY D 231 16.18 -6.18 39.43
C GLY D 231 16.44 -7.56 40.01
N SER D 232 16.64 -8.55 39.14
CA SER D 232 16.99 -9.93 39.51
C SER D 232 16.24 -10.44 40.75
N VAL D 233 14.92 -10.29 40.71
CA VAL D 233 14.11 -10.59 41.89
C VAL D 233 14.00 -12.10 42.11
N SER D 234 14.15 -12.52 43.37
CA SER D 234 14.11 -13.93 43.72
C SER D 234 13.30 -14.07 45.00
N GLY D 235 12.89 -15.31 45.29
CA GLY D 235 12.30 -15.58 46.60
C GLY D 235 13.17 -15.09 47.74
N ALA D 236 14.51 -15.10 47.54
CA ALA D 236 15.49 -14.84 48.58
C ALA D 236 15.76 -13.35 48.80
N ASN D 237 15.45 -12.50 47.85
CA ASN D 237 15.75 -11.08 48.00
C ASN D 237 14.53 -10.17 47.99
N CYS D 238 13.31 -10.74 47.86
CA CYS D 238 12.16 -9.90 47.58
C CYS D 238 11.61 -9.19 48.83
N LYS D 239 11.71 -9.81 50.01
CA LYS D 239 10.97 -9.28 51.16
C LYS D 239 11.45 -7.88 51.53
N GLU D 240 12.77 -7.66 51.61
CA GLU D 240 13.24 -6.32 51.98
C GLU D 240 12.93 -5.29 50.90
N LEU D 241 12.89 -5.69 49.63
CA LEU D 241 12.51 -4.74 48.59
C LEU D 241 11.04 -4.37 48.70
N ALA D 242 10.18 -5.35 48.99
CA ALA D 242 8.75 -5.12 48.99
C ALA D 242 8.30 -4.20 50.11
N THR D 243 9.08 -4.07 51.19
CA THR D 243 8.69 -3.17 52.26
C THR D 243 9.03 -1.71 51.98
N LYS D 244 9.84 -1.43 50.97
CA LYS D 244 10.14 -0.04 50.64
C LYS D 244 8.86 0.69 50.23
N PRO D 245 8.69 1.94 50.67
CA PRO D 245 7.38 2.59 50.52
C PRO D 245 6.97 2.80 49.07
N ASP D 246 7.91 3.06 48.18
CA ASP D 246 7.56 3.40 46.81
C ASP D 246 7.82 2.24 45.84
N VAL D 247 8.10 1.05 46.36
CA VAL D 247 8.13 -0.17 45.56
C VAL D 247 6.77 -0.85 45.67
N ASP D 248 6.06 -1.00 44.56
CA ASP D 248 4.71 -1.53 44.56
C ASP D 248 4.63 -2.98 44.10
N GLY D 249 5.76 -3.64 43.91
CA GLY D 249 5.74 -5.00 43.45
C GLY D 249 6.95 -5.24 42.59
N PHE D 250 6.86 -6.24 41.72
CA PHE D 250 8.04 -6.76 41.02
C PHE D 250 7.71 -7.13 39.58
N LEU D 251 8.71 -6.96 38.71
CA LEU D 251 8.74 -7.60 37.39
C LEU D 251 9.83 -8.66 37.47
N VAL D 252 9.41 -9.92 37.61
CA VAL D 252 10.32 -11.03 37.90
C VAL D 252 10.84 -11.61 36.61
N GLY D 253 12.17 -11.84 36.55
CA GLY D 253 12.79 -12.41 35.37
C GLY D 253 12.90 -13.92 35.46
N GLY D 254 14.11 -14.44 35.68
CA GLY D 254 14.33 -15.89 35.66
C GLY D 254 13.54 -16.65 36.70
N ALA D 255 13.28 -16.05 37.86
CA ALA D 255 12.50 -16.76 38.87
C ALA D 255 11.06 -16.96 38.47
N SER D 256 10.58 -16.28 37.42
CA SER D 256 9.20 -16.50 37.03
C SER D 256 8.99 -17.88 36.43
N LEU D 257 10.06 -18.53 36.01
CA LEU D 257 10.04 -19.88 35.47
C LEU D 257 10.07 -20.96 36.55
N LYS D 258 10.25 -20.57 37.81
CA LYS D 258 10.57 -21.46 38.92
C LYS D 258 9.47 -21.46 39.98
N PRO D 259 9.41 -22.49 40.83
CA PRO D 259 8.37 -22.50 41.88
C PRO D 259 8.45 -21.33 42.85
N GLU D 260 9.66 -20.81 43.11
CA GLU D 260 9.81 -19.66 44.00
C GLU D 260 9.13 -18.39 43.51
N PHE D 261 8.65 -18.35 42.26
CA PHE D 261 7.80 -17.24 41.85
C PHE D 261 6.65 -17.06 42.84
N ILE D 262 6.15 -18.17 43.42
CA ILE D 262 5.04 -18.12 44.37
C ILE D 262 5.44 -17.40 45.64
N GLU D 263 6.66 -17.63 46.14
CA GLU D 263 7.15 -16.87 47.28
C GLU D 263 7.19 -15.37 47.00
N ILE D 264 7.57 -14.98 45.78
CA ILE D 264 7.60 -13.55 45.44
C ILE D 264 6.19 -12.97 45.46
N ILE D 265 5.21 -13.71 44.93
CA ILE D 265 3.82 -13.27 45.00
C ILE D 265 3.41 -13.05 46.45
N LYS D 266 3.79 -13.97 47.33
CA LYS D 266 3.40 -13.89 48.74
C LYS D 266 4.09 -12.75 49.48
N SER D 267 5.08 -12.09 48.90
CA SER D 267 5.63 -10.92 49.56
C SER D 267 4.67 -9.74 49.55
N ALA D 268 3.52 -9.86 48.85
CA ALA D 268 2.53 -8.79 48.85
C ALA D 268 2.04 -8.48 50.26
N THR D 269 1.86 -9.51 51.08
CA THR D 269 1.22 -9.35 52.38
C THR D 269 2.06 -8.46 53.30
#